data_8JFB
#
_entry.id   8JFB
#
_cell.length_a   57.777
_cell.length_b   156.233
_cell.length_c   167.051
_cell.angle_alpha   90.000
_cell.angle_beta   90.000
_cell.angle_gamma   90.000
#
_symmetry.space_group_name_H-M   'P 21 21 21'
#
loop_
_entity.id
_entity.type
_entity.pdbx_description
1 polymer 'Bifunctional dihydrofolate reductase-thymidylate synthase'
2 non-polymer '3-[4-[[2,4-bis(azanyl)-6-ethyl-pyrimidin-5-yl]methyl]phenyl]benzoic acid'
3 non-polymer 'NADPH DIHYDRO-NICOTINAMIDE-ADENINE-DINUCLEOTIDE PHOSPHATE'
4 non-polymer "2'-DEOXYURIDINE 5'-MONOPHOSPHATE"
5 water water
#
_entity_poly.entity_id   1
_entity_poly.type   'polypeptide(L)'
_entity_poly.pdbx_seq_one_letter_code
;MMEQVCDVFDIYAICACCKVESKNEGKKNEVFNNYTFRGLGNKGVLPWKCISLDMKYFRAVTTYVNESKYEKLKYKRCKY
LNKETVDNVNDMPNSKKLQNVVVMGRTNWESIPKKFKPLSNRINVILSRTLKKEDFDEDVYIINKVEDLIVLLGKLNYYK
CFILGGSVVYQEFLEKKLIKKIYFTRINSTYECDVFFPEINENEYQIISVSDVYTSNNTTLDFIIYKKTNNKMLNEQNCI
KGEEKNNDMPLKNDDKDTCHMKKLTEFYKNVDKYKINYENDDDDEEEDDFVYFNFNKEKEEKNKNSIHPNDFQIYNSLKY
KYHPEYQYLNIIYDIMMNGNKQSDRTGVGVLSKFGYIMKFDLSQYFPLLTTKKLFLRGIIEELLWFIRGETNGNTLLNKN
VRIWEANGTREFLDNRKLFHREVNDLGPIYGFQWRHFGAEYTNMYDNYENKGVDQLKNIINLIKNDPTSRRILLCAWNVK
DLDQMALPPCHILCQFYVFDGKLSCIMYQRSCDLGLGVPFNIASYSIFTHMIAQVCNLQPAQFIHVLGNAHVYNNHIDSL
KIQLNRIPYPFPTLKLNPDIKNIEDFTISDFTIQNYVHHEKISMDMAA
;
_entity_poly.pdbx_strand_id   A,B
#
# COMPACT_ATOMS: atom_id res chain seq x y z
N MET A 2 27.53 33.82 4.57
CA MET A 2 28.37 33.09 5.51
C MET A 2 27.71 31.81 6.02
N GLU A 3 27.97 31.49 7.29
CA GLU A 3 27.39 30.35 7.98
C GLU A 3 26.70 30.83 9.25
N GLN A 4 25.83 29.98 9.81
CA GLN A 4 25.14 30.28 11.06
C GLN A 4 25.61 29.35 12.16
N VAL A 5 25.59 29.86 13.39
CA VAL A 5 26.19 29.14 14.51
C VAL A 5 25.49 27.81 14.73
N CYS A 6 24.15 27.83 14.72
CA CYS A 6 23.35 26.64 15.02
C CYS A 6 23.51 25.52 13.99
N ASP A 7 24.14 25.77 12.84
CA ASP A 7 24.36 24.71 11.88
C ASP A 7 25.74 24.08 12.04
N VAL A 8 26.76 24.89 12.28
CA VAL A 8 28.08 24.33 12.55
C VAL A 8 28.05 23.52 13.83
N PHE A 9 27.45 24.09 14.87
CA PHE A 9 27.41 23.48 16.18
C PHE A 9 26.12 22.70 16.44
N ASP A 10 25.23 22.60 15.45
CA ASP A 10 24.07 21.70 15.46
C ASP A 10 23.26 21.84 16.76
N ILE A 11 22.72 23.03 16.99
CA ILE A 11 21.97 23.35 18.20
C ILE A 11 20.49 23.17 17.91
N TYR A 12 19.86 22.25 18.62
CA TYR A 12 18.44 21.99 18.46
C TYR A 12 17.72 22.29 19.76
N ALA A 13 16.43 22.56 19.65
CA ALA A 13 15.55 22.60 20.81
C ALA A 13 14.61 21.40 20.76
N ILE A 14 14.30 20.87 21.94
CA ILE A 14 13.28 19.85 22.08
C ILE A 14 12.39 20.25 23.25
N CYS A 15 11.08 20.15 23.06
CA CYS A 15 10.13 20.50 24.10
C CYS A 15 8.89 19.63 24.01
N ALA A 16 8.06 19.70 25.05
CA ALA A 16 6.76 19.05 25.11
C ALA A 16 5.74 20.06 25.60
N CYS A 17 4.70 20.30 24.81
CA CYS A 17 3.70 21.31 25.14
C CYS A 17 2.26 20.77 25.09
N CYS A 18 1.45 21.21 26.04
CA CYS A 18 0.05 20.83 26.17
C CYS A 18 -0.85 22.04 25.94
N LYS A 19 -2.14 21.84 26.16
CA LYS A 19 -3.11 22.91 26.12
C LYS A 19 -3.32 23.48 27.52
N VAL A 20 -3.66 24.77 27.58
CA VAL A 20 -3.79 25.51 28.84
C VAL A 20 -5.21 26.02 29.01
N GLU A 21 -5.54 26.39 30.25
CA GLU A 21 -6.86 26.89 30.58
C GLU A 21 -7.08 28.31 30.04
N SER A 22 -8.33 28.63 29.72
CA SER A 22 -8.69 29.95 29.20
C SER A 22 -9.41 30.80 30.27
N ASN A 29 -16.85 26.30 20.02
CA ASN A 29 -16.56 27.26 18.96
C ASN A 29 -15.28 28.07 19.19
N GLU A 30 -14.22 27.40 19.66
CA GLU A 30 -12.92 28.04 19.87
C GLU A 30 -12.03 27.85 18.64
N VAL A 31 -10.98 28.68 18.54
CA VAL A 31 -10.06 28.66 17.40
C VAL A 31 -8.77 27.97 17.83
N PHE A 32 -8.27 27.09 16.97
CA PHE A 32 -7.05 26.35 17.25
C PHE A 32 -5.99 26.69 16.22
N ASN A 33 -4.83 27.10 16.71
CA ASN A 33 -3.63 27.28 15.89
C ASN A 33 -2.48 26.52 16.54
N ASN A 34 -1.25 26.76 16.09
CA ASN A 34 -0.11 26.11 16.73
C ASN A 34 0.08 26.61 18.16
N TYR A 35 -0.14 27.90 18.39
CA TYR A 35 0.00 28.44 19.73
C TYR A 35 -0.95 27.78 20.74
N THR A 36 -1.85 26.91 20.28
CA THR A 36 -2.66 26.10 21.19
C THR A 36 -1.78 25.29 22.13
N PHE A 37 -0.77 24.63 21.58
CA PHE A 37 0.14 23.81 22.35
C PHE A 37 1.30 24.70 22.81
N ARG A 38 1.23 25.15 24.07
CA ARG A 38 2.29 26.00 24.61
C ARG A 38 2.59 25.77 26.09
N GLY A 39 1.95 24.80 26.77
CA GLY A 39 2.13 24.66 28.20
C GLY A 39 3.35 23.84 28.56
N LEU A 40 4.33 24.46 29.25
CA LEU A 40 5.64 23.89 29.58
C LEU A 40 5.71 23.31 30.99
N GLY A 41 5.38 24.11 32.01
CA GLY A 41 5.42 23.64 33.38
C GLY A 41 4.42 24.37 34.25
N ASN A 42 4.28 23.88 35.48
CA ASN A 42 3.39 24.42 36.49
C ASN A 42 4.00 24.16 37.87
N LYS A 43 4.14 25.21 38.67
CA LYS A 43 4.65 25.12 40.05
C LYS A 43 6.01 24.41 40.09
N GLY A 44 6.92 24.85 39.22
CA GLY A 44 8.25 24.27 39.13
C GLY A 44 8.34 22.95 38.41
N VAL A 45 7.24 22.26 38.20
CA VAL A 45 7.29 20.91 37.67
C VAL A 45 6.57 20.84 36.34
N LEU A 46 6.55 19.65 35.73
CA LEU A 46 5.76 19.43 34.54
C LEU A 46 4.27 19.47 34.88
N PRO A 47 3.40 19.83 33.92
CA PRO A 47 1.99 20.00 34.25
C PRO A 47 1.25 18.67 34.32
N TRP A 48 1.64 17.72 33.48
CA TRP A 48 1.04 16.40 33.48
C TRP A 48 1.79 15.49 34.44
N LYS A 49 1.11 14.43 34.86
CA LYS A 49 1.69 13.50 35.80
C LYS A 49 2.92 12.84 35.20
N CYS A 50 2.70 12.01 34.19
CA CYS A 50 3.78 11.23 33.58
C CYS A 50 3.26 10.76 32.25
N ILE A 51 3.87 11.22 31.17
CA ILE A 51 3.50 10.83 29.82
C ILE A 51 4.68 10.04 29.28
N SER A 52 4.60 8.72 29.37
CA SER A 52 5.76 7.89 29.11
C SER A 52 6.32 8.11 27.72
N LEU A 53 5.46 7.95 26.72
CA LEU A 53 5.96 7.86 25.35
C LEU A 53 6.70 9.14 24.97
N ASP A 54 6.37 10.27 25.60
CA ASP A 54 7.15 11.48 25.35
C ASP A 54 8.53 11.41 25.97
N MET A 55 8.64 10.89 27.19
CA MET A 55 9.95 10.73 27.80
C MET A 55 10.79 9.74 27.01
N LYS A 56 10.19 8.64 26.58
CA LYS A 56 10.90 7.66 25.76
C LYS A 56 11.39 8.30 24.45
N TYR A 57 10.54 9.15 23.85
CA TYR A 57 10.91 9.91 22.67
C TYR A 57 12.02 10.91 22.97
N PHE A 58 11.85 11.67 24.07
CA PHE A 58 12.87 12.62 24.51
C PHE A 58 14.21 11.92 24.70
N ARG A 59 14.21 10.82 25.43
CA ARG A 59 15.43 10.07 25.68
C ARG A 59 16.07 9.58 24.39
N ALA A 60 15.27 9.04 23.46
CA ALA A 60 15.84 8.49 22.24
C ALA A 60 16.51 9.57 21.41
N VAL A 61 15.88 10.74 21.30
CA VAL A 61 16.45 11.81 20.49
C VAL A 61 17.72 12.36 21.13
N THR A 62 17.66 12.64 22.43
CA THR A 62 18.79 13.33 23.04
C THR A 62 19.98 12.42 23.28
N THR A 63 19.83 11.11 23.17
CA THR A 63 20.96 10.22 23.38
C THR A 63 21.49 9.58 22.10
N TYR A 64 20.76 9.67 21.00
CA TYR A 64 21.12 9.03 19.73
C TYR A 64 22.26 9.76 19.05
N VAL A 65 23.34 9.05 18.78
CA VAL A 65 24.45 9.56 17.98
C VAL A 65 24.74 8.56 16.88
N ASN A 66 25.34 9.08 15.82
CA ASN A 66 25.74 8.29 14.65
C ASN A 66 27.21 8.62 14.43
N GLU A 67 28.07 7.68 14.81
CA GLU A 67 29.51 7.92 14.79
C GLU A 67 29.99 8.34 13.41
N SER A 68 29.47 7.69 12.37
CA SER A 68 29.92 7.97 11.01
C SER A 68 29.84 9.45 10.68
N LYS A 69 28.75 10.10 11.08
CA LYS A 69 28.58 11.50 10.71
C LYS A 69 29.54 12.43 11.45
N TYR A 70 30.25 11.96 12.49
CA TYR A 70 31.01 12.90 13.29
C TYR A 70 32.28 13.37 12.58
N GLU A 71 32.83 12.54 11.70
CA GLU A 71 34.02 12.96 10.96
C GLU A 71 33.76 14.25 10.21
N LYS A 72 32.63 14.29 9.48
CA LYS A 72 32.24 15.51 8.80
C LYS A 72 31.95 16.61 9.80
N LEU A 73 31.36 16.24 10.93
CA LEU A 73 31.02 17.23 11.93
C LEU A 73 32.26 17.91 12.48
N LYS A 74 33.31 17.13 12.79
CA LYS A 74 34.54 17.73 13.28
C LYS A 74 35.16 18.61 12.20
N TYR A 75 35.12 18.17 10.94
CA TYR A 75 35.58 19.05 9.87
C TYR A 75 34.81 20.35 9.86
N LYS A 76 33.47 20.26 9.92
CA LYS A 76 32.64 21.46 9.85
C LYS A 76 33.02 22.46 10.92
N ARG A 77 33.16 22.00 12.17
CA ARG A 77 33.46 22.95 13.24
C ARG A 77 34.91 23.37 13.21
N CYS A 78 35.81 22.51 12.73
CA CYS A 78 37.18 22.93 12.54
C CYS A 78 37.27 24.10 11.57
N LYS A 79 36.68 23.96 10.37
CA LYS A 79 36.80 25.03 9.39
C LYS A 79 36.12 26.30 9.87
N TYR A 80 35.14 26.17 10.75
CA TYR A 80 34.48 27.38 11.24
C TYR A 80 35.34 28.11 12.24
N LEU A 81 36.09 27.38 13.07
CA LEU A 81 36.93 27.99 14.08
C LEU A 81 38.34 28.27 13.56
N ASN A 82 38.58 28.02 12.27
CA ASN A 82 39.91 28.18 11.64
C ASN A 82 40.97 27.33 12.34
N LYS A 83 40.63 26.07 12.60
CA LYS A 83 41.55 25.11 13.19
C LYS A 83 41.56 23.85 12.35
N GLU A 84 42.43 22.92 12.72
CA GLU A 84 42.67 21.72 11.92
C GLU A 84 41.84 20.53 12.39
N LYS A 96 35.56 6.66 25.67
CA LYS A 96 34.16 7.08 25.84
C LYS A 96 33.47 7.28 24.49
N LYS A 97 32.22 6.84 24.38
CA LYS A 97 31.47 6.96 23.13
C LYS A 97 31.10 8.42 22.87
N LEU A 98 30.83 8.73 21.61
CA LEU A 98 30.31 10.05 21.28
C LEU A 98 28.99 10.27 22.00
N GLN A 99 28.82 11.49 22.49
CA GLN A 99 27.67 11.85 23.30
C GLN A 99 27.13 13.17 22.81
N ASN A 100 25.86 13.40 23.06
CA ASN A 100 25.24 14.68 22.78
C ASN A 100 25.37 15.63 23.97
N VAL A 101 25.18 16.91 23.70
CA VAL A 101 25.11 17.93 24.73
C VAL A 101 23.65 18.23 25.01
N VAL A 102 23.30 18.32 26.29
CA VAL A 102 22.02 18.86 26.73
C VAL A 102 22.29 20.05 27.64
N VAL A 103 21.50 21.11 27.45
CA VAL A 103 21.63 22.38 28.18
C VAL A 103 20.30 22.70 28.85
N MET A 104 20.36 23.10 30.12
CA MET A 104 19.16 23.41 30.88
C MET A 104 19.35 24.70 31.65
N GLY A 105 18.24 25.41 31.85
CA GLY A 105 18.23 26.48 32.81
C GLY A 105 18.27 25.94 34.22
N ARG A 106 18.62 26.83 35.15
CA ARG A 106 18.83 26.43 36.53
C ARG A 106 17.57 25.81 37.11
N THR A 107 16.40 26.43 36.86
CA THR A 107 15.15 25.89 37.38
C THR A 107 14.87 24.53 36.77
N ASN A 108 15.08 24.40 35.46
CA ASN A 108 14.88 23.11 34.81
C ASN A 108 15.72 22.05 35.49
N TRP A 109 16.97 22.37 35.82
CA TRP A 109 17.88 21.40 36.43
C TRP A 109 17.40 20.99 37.81
N GLU A 110 16.83 21.92 38.57
CA GLU A 110 16.34 21.58 39.90
C GLU A 110 14.98 20.91 39.87
N SER A 111 14.31 20.88 38.72
CA SER A 111 13.04 20.16 38.63
C SER A 111 13.25 18.67 38.42
N ILE A 112 14.48 18.20 38.33
CA ILE A 112 14.76 16.82 37.98
C ILE A 112 15.08 16.05 39.27
N PRO A 113 14.51 14.87 39.48
CA PRO A 113 14.91 14.04 40.63
C PRO A 113 16.42 13.78 40.61
N LYS A 114 17.02 13.82 41.80
CA LYS A 114 18.47 13.68 41.87
C LYS A 114 18.93 12.32 41.38
N LYS A 115 18.08 11.29 41.48
CA LYS A 115 18.55 9.99 41.03
C LYS A 115 18.88 9.99 39.54
N PHE A 116 18.31 10.92 38.78
CA PHE A 116 18.48 11.03 37.33
C PHE A 116 19.42 12.16 36.92
N LYS A 117 20.12 12.76 37.85
CA LYS A 117 20.98 13.86 37.48
C LYS A 117 22.44 13.48 37.70
N PRO A 118 23.30 13.77 36.74
CA PRO A 118 23.02 14.36 35.42
C PRO A 118 22.45 13.33 34.41
N LEU A 119 21.80 13.77 33.34
CA LEU A 119 21.09 12.87 32.45
C LEU A 119 22.04 11.87 31.81
N SER A 120 21.72 10.58 31.93
CA SER A 120 22.65 9.53 31.54
C SER A 120 23.13 9.70 30.10
N ASN A 121 24.38 9.31 29.84
CA ASN A 121 24.98 9.30 28.50
C ASN A 121 24.82 10.65 27.80
N ARG A 122 25.01 11.74 28.55
CA ARG A 122 24.81 13.07 27.98
C ARG A 122 25.71 14.07 28.71
N ILE A 123 26.08 15.12 28.00
CA ILE A 123 26.91 16.17 28.55
C ILE A 123 26.00 17.27 29.04
N ASN A 124 25.89 17.43 30.36
CA ASN A 124 24.92 18.35 30.94
C ASN A 124 25.54 19.73 31.13
N VAL A 125 24.89 20.74 30.56
CA VAL A 125 25.30 22.13 30.63
C VAL A 125 24.16 22.92 31.29
N ILE A 126 24.48 23.69 32.33
CA ILE A 126 23.48 24.41 33.11
C ILE A 126 23.77 25.91 33.02
N LEU A 127 22.76 26.67 32.61
CA LEU A 127 22.84 28.14 32.56
C LEU A 127 22.41 28.71 33.91
N SER A 128 23.29 29.50 34.54
CA SER A 128 22.98 30.02 35.86
C SER A 128 23.84 31.24 36.17
N ARG A 129 23.23 32.18 36.90
CA ARG A 129 23.93 33.32 37.46
C ARG A 129 24.09 33.26 38.96
N THR A 130 23.12 32.71 39.69
CA THR A 130 23.22 32.70 41.15
C THR A 130 24.03 31.53 41.69
N LEU A 131 24.35 30.53 40.87
CA LEU A 131 25.10 29.38 41.34
C LEU A 131 26.39 29.23 40.54
N LYS A 132 27.37 28.61 41.20
CA LYS A 132 28.73 28.39 40.73
C LYS A 132 29.05 26.91 40.72
N LYS A 133 30.17 26.56 40.08
CA LYS A 133 30.58 25.16 40.07
C LYS A 133 30.77 24.60 41.48
N GLU A 134 30.94 25.47 42.49
CA GLU A 134 31.16 25.00 43.86
C GLU A 134 29.87 24.46 44.45
N ASP A 135 28.73 25.11 44.17
CA ASP A 135 27.43 24.59 44.61
C ASP A 135 26.99 23.32 43.86
N PHE A 136 27.81 22.63 43.07
CA PHE A 136 27.37 21.42 42.39
C PHE A 136 28.28 20.24 42.71
N ASP A 137 27.68 19.12 43.09
CA ASP A 137 28.41 17.87 43.24
C ASP A 137 28.68 17.20 41.90
N GLU A 138 27.79 17.38 40.92
CA GLU A 138 27.67 16.45 39.82
C GLU A 138 28.60 16.78 38.66
N ASP A 139 28.73 15.82 37.75
CA ASP A 139 29.52 15.97 36.54
C ASP A 139 28.76 16.86 35.57
N VAL A 140 29.00 18.16 35.63
CA VAL A 140 28.17 19.14 34.94
C VAL A 140 29.03 20.36 34.65
N TYR A 141 28.76 21.01 33.52
CA TYR A 141 29.34 22.31 33.20
C TYR A 141 28.36 23.40 33.59
N ILE A 142 28.88 24.46 34.20
CA ILE A 142 28.11 25.66 34.50
C ILE A 142 28.62 26.77 33.61
N ILE A 143 27.69 27.53 33.03
CA ILE A 143 28.03 28.70 32.25
C ILE A 143 27.05 29.80 32.63
N ASN A 144 27.53 31.05 32.61
CA ASN A 144 26.77 32.18 33.10
C ASN A 144 26.12 33.02 32.01
N LYS A 145 26.40 32.74 30.74
CA LYS A 145 25.86 33.51 29.64
C LYS A 145 25.88 32.60 28.43
N VAL A 146 25.11 32.96 27.42
CA VAL A 146 24.87 32.01 26.33
C VAL A 146 26.14 31.81 25.52
N GLU A 147 26.81 32.91 25.14
CA GLU A 147 28.00 32.84 24.29
C GLU A 147 29.00 31.80 24.77
N ASP A 148 29.06 31.56 26.08
CA ASP A 148 30.03 30.61 26.61
C ASP A 148 29.66 29.18 26.27
N LEU A 149 28.39 28.89 26.04
CA LEU A 149 28.05 27.60 25.48
C LEU A 149 28.70 27.46 24.11
N ILE A 150 28.65 28.51 23.30
CA ILE A 150 29.26 28.43 21.97
C ILE A 150 30.75 28.17 22.11
N VAL A 151 31.39 28.86 23.05
CA VAL A 151 32.80 28.60 23.31
C VAL A 151 32.98 27.14 23.70
N LEU A 152 32.30 26.71 24.76
CA LEU A 152 32.42 25.34 25.25
C LEU A 152 32.14 24.32 24.17
N LEU A 153 31.10 24.56 23.36
CA LEU A 153 30.81 23.63 22.26
C LEU A 153 32.03 23.45 21.36
N GLY A 154 32.76 24.54 21.10
CA GLY A 154 33.95 24.47 20.27
C GLY A 154 35.07 23.68 20.90
N LYS A 155 35.08 23.57 22.23
CA LYS A 155 36.14 22.88 22.95
C LYS A 155 35.79 21.43 23.28
N LEU A 156 34.63 20.93 22.87
CA LEU A 156 34.23 19.59 23.26
C LEU A 156 34.05 18.72 22.03
N ASN A 157 33.84 17.43 22.28
CA ASN A 157 33.48 16.46 21.25
C ASN A 157 32.10 15.89 21.55
N TYR A 158 31.16 16.18 20.65
CA TYR A 158 29.75 15.86 20.81
C TYR A 158 29.12 15.76 19.43
N TYR A 159 28.02 15.02 19.35
CA TYR A 159 27.30 14.88 18.10
C TYR A 159 26.34 16.05 17.88
N LYS A 160 25.31 16.18 18.72
CA LYS A 160 24.36 17.25 18.55
C LYS A 160 24.09 17.90 19.90
N CYS A 161 23.52 19.10 19.87
CA CYS A 161 23.28 19.89 21.07
C CYS A 161 21.80 20.22 21.17
N PHE A 162 21.18 19.85 22.29
CA PHE A 162 19.75 19.98 22.51
C PHE A 162 19.50 20.91 23.69
N ILE A 163 18.67 21.93 23.44
CA ILE A 163 18.26 22.89 24.46
C ILE A 163 17.01 22.34 25.12
N LEU A 164 17.08 22.11 26.43
CA LEU A 164 15.97 21.47 27.12
C LEU A 164 15.00 22.47 27.74
N GLY A 165 15.33 23.74 27.77
CA GLY A 165 14.53 24.72 28.47
C GLY A 165 15.12 25.06 29.83
N GLY A 166 14.33 25.79 30.62
CA GLY A 166 12.92 26.03 30.41
C GLY A 166 12.53 27.20 29.54
N SER A 167 11.49 27.91 29.98
CA SER A 167 10.88 28.93 29.15
C SER A 167 11.86 30.06 28.81
N VAL A 168 12.64 30.51 29.79
CA VAL A 168 13.66 31.53 29.53
C VAL A 168 14.73 31.00 28.59
N VAL A 169 15.21 29.78 28.85
CA VAL A 169 16.22 29.18 27.99
C VAL A 169 15.68 28.98 26.58
N TYR A 170 14.44 28.50 26.43
CA TYR A 170 13.84 28.44 25.11
C TYR A 170 13.73 29.83 24.50
N GLN A 171 13.32 30.80 25.31
CA GLN A 171 13.02 32.14 24.81
C GLN A 171 14.22 32.77 24.11
N GLU A 172 15.36 32.82 24.80
CA GLU A 172 16.50 33.58 24.29
C GLU A 172 17.23 32.84 23.18
N PHE A 173 17.22 31.51 23.18
CA PHE A 173 17.77 30.75 22.06
C PHE A 173 16.95 30.93 20.79
N LEU A 174 15.64 31.06 20.92
CA LEU A 174 14.83 31.36 19.75
C LEU A 174 15.04 32.79 19.30
N GLU A 175 15.22 33.71 20.26
CA GLU A 175 15.39 35.12 19.92
C GLU A 175 16.68 35.34 19.15
N LYS A 176 17.76 34.70 19.57
CA LYS A 176 19.07 34.89 18.95
C LYS A 176 19.29 33.96 17.77
N LYS A 177 18.22 33.41 17.21
CA LYS A 177 18.31 32.63 15.97
C LYS A 177 19.29 31.46 16.10
N LEU A 178 19.38 30.89 17.31
CA LEU A 178 20.35 29.84 17.64
C LEU A 178 19.75 28.43 17.60
N ILE A 179 18.52 28.28 17.12
CA ILE A 179 17.87 26.97 17.03
C ILE A 179 17.69 26.62 15.56
N LYS A 180 18.16 25.43 15.18
CA LYS A 180 18.09 24.94 13.81
C LYS A 180 16.84 24.09 13.56
N LYS A 181 16.39 23.35 14.56
CA LYS A 181 15.21 22.51 14.45
C LYS A 181 14.57 22.38 15.83
N ILE A 182 13.25 22.48 15.85
CA ILE A 182 12.47 22.35 17.08
C ILE A 182 11.76 21.01 17.01
N TYR A 183 12.15 20.07 17.84
CA TYR A 183 11.42 18.82 17.96
C TYR A 183 10.39 19.02 19.06
N PHE A 184 9.11 19.03 18.66
CA PHE A 184 8.04 19.60 19.45
C PHE A 184 6.97 18.53 19.63
N THR A 185 6.72 18.14 20.88
CA THR A 185 5.65 17.22 21.22
C THR A 185 4.38 18.01 21.47
N ARG A 186 3.34 17.73 20.69
CA ARG A 186 2.01 18.28 20.92
C ARG A 186 1.23 17.30 21.80
N ILE A 187 1.06 17.66 23.07
CA ILE A 187 0.27 16.89 24.04
C ILE A 187 -1.18 17.35 23.96
N ASN A 188 -2.08 16.47 23.57
CA ASN A 188 -3.46 16.88 23.28
C ASN A 188 -4.38 16.67 24.48
N SER A 189 -4.02 17.33 25.58
CA SER A 189 -4.90 17.45 26.73
C SER A 189 -4.60 18.77 27.42
N THR A 190 -5.53 19.21 28.27
CA THR A 190 -5.43 20.48 28.98
C THR A 190 -4.95 20.30 30.42
N TYR A 191 -4.04 21.16 30.85
CA TYR A 191 -3.61 21.14 32.24
C TYR A 191 -3.31 22.56 32.70
N GLU A 192 -3.31 22.71 34.01
CA GLU A 192 -2.96 23.98 34.63
C GLU A 192 -1.46 24.21 34.52
N CYS A 193 -1.08 25.39 34.05
CA CYS A 193 0.29 25.73 33.73
C CYS A 193 0.63 27.11 34.30
N ASP A 194 1.93 27.36 34.53
CA ASP A 194 2.40 28.73 34.82
C ASP A 194 3.58 29.23 34.00
N VAL A 195 4.21 28.40 33.16
CA VAL A 195 5.24 28.87 32.24
C VAL A 195 4.95 28.30 30.86
N PHE A 196 5.35 29.05 29.83
CA PHE A 196 4.91 28.76 28.48
C PHE A 196 6.07 28.85 27.50
N PHE A 197 6.08 27.94 26.53
CA PHE A 197 6.99 28.01 25.41
C PHE A 197 6.71 29.29 24.64
N PRO A 198 7.73 29.93 24.08
CA PRO A 198 7.48 31.17 23.33
C PRO A 198 6.61 30.89 22.12
N GLU A 199 5.90 31.92 21.68
CA GLU A 199 5.12 31.83 20.46
C GLU A 199 6.10 31.72 19.30
N ILE A 200 6.13 30.56 18.63
CA ILE A 200 7.00 30.37 17.47
C ILE A 200 6.61 31.34 16.37
N ASN A 201 7.63 31.89 15.70
CA ASN A 201 7.44 32.82 14.60
C ASN A 201 7.35 32.03 13.30
N GLU A 202 6.18 32.07 12.65
CA GLU A 202 6.00 31.33 11.40
C GLU A 202 6.93 31.82 10.31
N ASN A 203 7.27 33.10 10.31
CA ASN A 203 8.23 33.59 9.34
C ASN A 203 9.63 33.04 9.64
N GLU A 204 9.93 32.77 10.91
CA GLU A 204 11.23 32.26 11.33
C GLU A 204 11.34 30.74 11.24
N TYR A 205 10.25 30.02 11.54
CA TYR A 205 10.24 28.56 11.57
C TYR A 205 8.97 28.03 10.91
N GLN A 206 9.09 26.88 10.25
CA GLN A 206 7.93 26.23 9.65
C GLN A 206 8.03 24.72 9.82
N ILE A 207 6.87 24.06 9.93
CA ILE A 207 6.82 22.62 10.18
C ILE A 207 7.33 21.83 8.98
N ILE A 208 8.07 20.75 9.22
CA ILE A 208 8.52 19.88 8.13
C ILE A 208 8.16 18.42 8.30
N SER A 209 7.79 17.92 9.48
CA SER A 209 7.49 16.49 9.64
C SER A 209 6.54 16.26 10.80
N VAL A 210 5.42 15.62 10.49
CA VAL A 210 4.42 15.19 11.45
C VAL A 210 4.50 13.68 11.57
N SER A 211 4.29 13.17 12.78
CA SER A 211 4.40 11.75 13.05
C SER A 211 3.02 11.10 13.13
N ASP A 212 3.02 9.78 13.32
CA ASP A 212 1.86 9.01 13.73
C ASP A 212 1.25 9.68 14.96
N VAL A 213 -0.04 9.43 15.24
CA VAL A 213 -0.62 9.81 16.53
C VAL A 213 -0.54 8.60 17.44
N TYR A 214 -0.26 8.85 18.72
CA TYR A 214 -0.15 7.82 19.72
C TYR A 214 -1.10 8.17 20.85
N THR A 215 -1.47 7.17 21.63
CA THR A 215 -2.12 7.38 22.91
C THR A 215 -1.15 6.96 24.01
N SER A 216 -1.06 7.75 25.07
CA SER A 216 -0.15 7.44 26.15
C SER A 216 -0.66 8.07 27.44
N ASN A 217 -0.82 7.25 28.46
CA ASN A 217 -1.30 7.75 29.75
C ASN A 217 -2.52 8.62 29.55
N ASN A 218 -3.46 8.12 28.74
CA ASN A 218 -4.81 8.69 28.59
C ASN A 218 -4.83 10.01 27.84
N THR A 219 -3.88 10.20 26.94
CA THR A 219 -3.87 11.41 26.14
C THR A 219 -3.24 11.07 24.79
N THR A 220 -3.83 11.60 23.73
CA THR A 220 -3.22 11.42 22.43
C THR A 220 -2.12 12.46 22.25
N LEU A 221 -1.10 12.06 21.50
CA LEU A 221 0.00 12.96 21.21
C LEU A 221 0.61 12.56 19.89
N ASP A 222 1.31 13.52 19.29
CA ASP A 222 2.20 13.25 18.18
C ASP A 222 3.46 14.08 18.37
N PHE A 223 4.34 14.00 17.38
CA PHE A 223 5.63 14.66 17.43
C PHE A 223 5.83 15.39 16.12
N ILE A 224 6.13 16.68 16.19
CA ILE A 224 6.30 17.50 15.01
C ILE A 224 7.66 18.16 15.07
N ILE A 225 8.14 18.53 13.88
CA ILE A 225 9.47 19.06 13.69
C ILE A 225 9.33 20.38 12.95
N TYR A 226 9.92 21.44 13.52
CA TYR A 226 10.08 22.70 12.82
C TYR A 226 11.47 22.80 12.26
N LYS A 227 11.58 23.46 11.11
CA LYS A 227 12.85 23.78 10.47
C LYS A 227 12.94 25.29 10.31
N LYS A 228 14.13 25.82 10.58
CA LYS A 228 14.35 27.26 10.45
C LYS A 228 14.34 27.65 8.99
N THR A 229 13.66 28.74 8.67
CA THR A 229 13.52 29.16 7.28
C THR A 229 14.60 30.15 6.89
N ASN A 230 14.66 30.44 5.60
CA ASN A 230 15.68 31.37 5.08
C ASN A 230 15.06 32.54 4.28
N ASP A 283 27.63 -0.28 -2.04
CA ASP A 283 26.67 -0.16 -3.13
C ASP A 283 26.39 1.30 -3.51
N ASP A 284 26.89 1.70 -4.67
CA ASP A 284 26.79 3.10 -5.10
C ASP A 284 26.28 3.20 -6.55
N GLU A 285 26.56 2.16 -7.36
CA GLU A 285 26.10 2.08 -8.75
C GLU A 285 24.76 1.35 -8.89
N GLU A 286 24.24 0.78 -7.80
CA GLU A 286 22.90 0.19 -7.82
C GLU A 286 21.81 1.24 -7.70
N GLU A 287 22.18 2.50 -7.40
CA GLU A 287 21.27 3.62 -7.63
C GLU A 287 20.99 3.80 -9.11
N ASP A 288 21.92 3.37 -9.97
CA ASP A 288 21.71 3.40 -11.41
C ASP A 288 20.71 2.33 -11.85
N ASP A 289 20.75 1.15 -11.21
CA ASP A 289 19.75 0.13 -11.48
C ASP A 289 18.34 0.69 -11.26
N PHE A 290 18.18 1.56 -10.26
CA PHE A 290 16.89 2.20 -10.04
C PHE A 290 16.47 3.05 -11.24
N VAL A 291 17.42 3.77 -11.84
CA VAL A 291 17.09 4.61 -12.99
C VAL A 291 16.69 3.75 -14.18
N TYR A 292 17.43 2.66 -14.42
CA TYR A 292 17.13 1.81 -15.58
C TYR A 292 15.69 1.31 -15.51
N PHE A 293 15.26 0.86 -14.34
CA PHE A 293 13.93 0.28 -14.20
C PHE A 293 12.82 1.31 -14.32
N ASN A 294 13.13 2.60 -14.18
CA ASN A 294 12.15 3.66 -14.41
C ASN A 294 12.30 4.25 -15.81
N PHE A 295 12.61 3.37 -16.76
CA PHE A 295 12.77 3.77 -18.15
C PHE A 295 11.46 3.92 -18.91
N ASN A 296 10.36 3.34 -18.44
CA ASN A 296 9.13 3.38 -19.22
C ASN A 296 8.07 4.28 -18.61
N LYS A 297 8.44 5.13 -17.67
CA LYS A 297 7.48 6.09 -17.13
C LYS A 297 7.58 7.39 -17.92
N GLU A 298 6.97 8.46 -17.39
CA GLU A 298 6.97 9.78 -18.00
C GLU A 298 8.28 10.52 -17.79
N LYS A 304 -1.93 13.86 -16.47
CA LYS A 304 -2.25 14.87 -15.47
C LYS A 304 -3.59 15.53 -15.76
N ASN A 305 -4.08 16.28 -14.78
CA ASN A 305 -5.23 17.13 -14.93
C ASN A 305 -4.81 18.57 -14.69
N SER A 306 -5.80 19.48 -14.70
CA SER A 306 -5.49 20.90 -14.60
C SER A 306 -5.29 21.31 -13.13
N ILE A 307 -4.30 20.67 -12.51
CA ILE A 307 -3.89 20.96 -11.13
C ILE A 307 -2.40 21.30 -11.16
N HIS A 308 -2.08 22.57 -10.90
CA HIS A 308 -0.70 22.99 -10.75
C HIS A 308 -0.22 22.62 -9.35
N PRO A 309 0.83 21.80 -9.21
CA PRO A 309 1.33 21.49 -7.87
C PRO A 309 1.90 22.67 -7.07
N ASN A 310 1.99 23.87 -7.64
CA ASN A 310 2.32 25.01 -6.78
C ASN A 310 1.16 25.39 -5.86
N ASP A 311 -0.01 24.81 -6.07
CA ASP A 311 -1.15 24.95 -5.17
C ASP A 311 -1.07 24.00 -3.98
N PHE A 312 0.00 23.21 -3.89
CA PHE A 312 0.27 22.31 -2.78
C PHE A 312 1.65 22.56 -2.21
N GLN A 313 1.99 23.84 -2.05
CA GLN A 313 3.31 24.19 -1.55
C GLN A 313 3.55 23.57 -0.19
N ILE A 314 2.64 23.82 0.75
CA ILE A 314 2.81 23.28 2.09
C ILE A 314 2.78 21.76 2.05
N TYR A 315 1.78 21.19 1.38
CA TYR A 315 1.61 19.74 1.35
C TYR A 315 2.85 19.05 0.79
N ASN A 316 3.36 19.52 -0.35
CA ASN A 316 4.50 18.87 -0.98
C ASN A 316 5.82 19.18 -0.28
N SER A 317 5.90 20.29 0.46
CA SER A 317 7.15 20.62 1.16
C SER A 317 7.38 19.71 2.36
N LEU A 318 6.31 19.24 2.98
CA LEU A 318 6.43 18.43 4.18
C LEU A 318 7.32 17.22 3.92
N LYS A 319 8.29 17.00 4.80
CA LYS A 319 9.24 15.90 4.62
C LYS A 319 8.59 14.56 4.94
N TYR A 320 8.20 14.34 6.19
CA TYR A 320 7.59 13.08 6.62
C TYR A 320 6.15 13.30 7.03
N LYS A 321 5.22 12.61 6.39
CA LYS A 321 3.78 12.78 6.63
C LYS A 321 3.24 11.44 7.13
N TYR A 322 3.45 11.19 8.41
CA TYR A 322 3.10 9.92 9.03
C TYR A 322 1.83 10.02 9.85
N HIS A 323 1.26 11.22 9.96
CA HIS A 323 -0.04 11.40 10.60
C HIS A 323 -1.08 10.55 9.88
N PRO A 324 -1.84 9.73 10.59
CA PRO A 324 -2.85 8.87 9.96
C PRO A 324 -3.78 9.59 9.01
N GLU A 325 -3.97 10.90 9.20
CA GLU A 325 -4.88 11.63 8.33
C GLU A 325 -4.34 11.77 6.93
N TYR A 326 -3.02 11.65 6.75
CA TYR A 326 -2.49 11.69 5.39
C TYR A 326 -2.88 10.47 4.58
N GLN A 327 -3.36 9.40 5.21
CA GLN A 327 -3.97 8.35 4.42
C GLN A 327 -5.16 8.88 3.65
N TYR A 328 -5.97 9.71 4.30
CA TYR A 328 -7.08 10.35 3.63
C TYR A 328 -6.59 11.35 2.60
N LEU A 329 -5.73 12.29 3.05
CA LEU A 329 -5.31 13.39 2.20
C LEU A 329 -4.55 12.89 0.98
N ASN A 330 -3.75 11.83 1.13
CA ASN A 330 -2.94 11.32 0.02
C ASN A 330 -3.80 10.77 -1.11
N ILE A 331 -5.05 10.41 -0.84
CA ILE A 331 -5.95 9.88 -1.87
C ILE A 331 -6.62 11.01 -2.63
N ILE A 332 -6.93 12.11 -1.95
CA ILE A 332 -7.35 13.34 -2.62
C ILE A 332 -6.29 13.74 -3.64
N TYR A 333 -5.03 13.72 -3.23
CA TYR A 333 -3.92 14.07 -4.12
C TYR A 333 -3.84 13.08 -5.28
N ASP A 334 -3.93 11.78 -5.00
CA ASP A 334 -3.76 10.80 -6.07
C ASP A 334 -4.89 10.91 -7.08
N ILE A 335 -6.12 11.12 -6.62
CA ILE A 335 -7.24 11.25 -7.55
C ILE A 335 -7.15 12.58 -8.32
N MET A 336 -6.73 13.66 -7.65
CA MET A 336 -6.56 14.94 -8.35
C MET A 336 -5.48 14.84 -9.42
N MET A 337 -4.30 14.38 -9.04
CA MET A 337 -3.18 14.38 -9.98
C MET A 337 -3.35 13.34 -11.08
N ASN A 338 -4.10 12.26 -10.84
CA ASN A 338 -4.13 11.11 -11.74
C ASN A 338 -5.51 10.65 -12.20
N GLY A 339 -6.59 11.05 -11.52
CA GLY A 339 -7.88 10.41 -11.73
C GLY A 339 -8.41 10.58 -13.15
N ASN A 340 -9.53 9.93 -13.40
CA ASN A 340 -10.14 9.91 -14.72
C ASN A 340 -11.36 10.83 -14.74
N LYS A 341 -11.42 11.71 -15.74
CA LYS A 341 -12.57 12.60 -15.89
C LYS A 341 -13.74 11.77 -16.42
N GLN A 342 -14.77 11.65 -15.61
CA GLN A 342 -16.00 10.96 -15.99
C GLN A 342 -17.17 11.84 -15.63
N SER A 343 -18.26 11.64 -16.35
CA SER A 343 -19.55 12.18 -15.96
C SER A 343 -20.18 11.29 -14.92
N ASP A 344 -21.29 11.74 -14.36
CA ASP A 344 -22.11 10.90 -13.51
C ASP A 344 -23.53 11.40 -13.57
N ARG A 345 -24.37 10.88 -12.67
CA ARG A 345 -25.79 11.24 -12.69
C ARG A 345 -25.99 12.74 -12.51
N THR A 346 -25.26 13.35 -11.56
CA THR A 346 -25.55 14.73 -11.17
C THR A 346 -25.30 15.73 -12.30
N GLY A 347 -24.39 15.44 -13.23
CA GLY A 347 -23.93 16.39 -14.22
C GLY A 347 -22.70 17.17 -13.81
N VAL A 348 -22.27 17.03 -12.56
CA VAL A 348 -21.07 17.71 -12.08
C VAL A 348 -19.83 17.11 -12.72
N GLY A 349 -19.82 15.81 -12.92
CA GLY A 349 -18.60 15.16 -13.36
C GLY A 349 -17.57 15.11 -12.25
N VAL A 350 -16.68 14.13 -12.30
CA VAL A 350 -15.76 13.85 -11.20
C VAL A 350 -14.43 13.43 -11.79
N LEU A 351 -13.42 13.41 -10.93
CA LEU A 351 -12.19 12.65 -11.14
C LEU A 351 -12.32 11.38 -10.32
N SER A 352 -12.03 10.24 -10.94
CA SER A 352 -12.27 8.96 -10.26
C SER A 352 -11.06 8.06 -10.37
N LYS A 353 -10.87 7.24 -9.33
CA LYS A 353 -9.97 6.09 -9.35
C LYS A 353 -10.68 4.89 -8.73
N PHE A 354 -10.04 3.72 -8.76
CA PHE A 354 -10.70 2.46 -8.47
C PHE A 354 -9.82 1.61 -7.55
N GLY A 355 -10.22 1.54 -6.27
CA GLY A 355 -9.62 0.59 -5.33
C GLY A 355 -8.56 1.19 -4.43
N TYR A 356 -8.94 1.63 -3.24
CA TYR A 356 -8.00 2.09 -2.22
C TYR A 356 -8.27 1.38 -0.90
N ILE A 357 -7.38 1.59 0.05
CA ILE A 357 -7.57 1.01 1.37
C ILE A 357 -6.87 1.87 2.40
N MET A 358 -7.61 2.23 3.46
CA MET A 358 -7.10 2.98 4.60
C MET A 358 -7.24 2.13 5.84
N LYS A 359 -6.26 2.26 6.72
CA LYS A 359 -6.27 1.58 8.01
C LYS A 359 -6.18 2.62 9.10
N PHE A 360 -6.92 2.41 10.17
CA PHE A 360 -6.91 3.33 11.29
C PHE A 360 -6.80 2.54 12.58
N ASP A 361 -5.90 2.98 13.48
CA ASP A 361 -5.63 2.28 14.72
C ASP A 361 -6.46 2.92 15.84
N LEU A 362 -7.67 2.42 16.03
CA LEU A 362 -8.61 2.98 16.99
C LEU A 362 -8.15 2.85 18.45
N SER A 363 -7.14 2.03 18.70
CA SER A 363 -6.53 1.92 20.03
C SER A 363 -5.61 3.09 20.36
N GLN A 364 -5.23 3.89 19.36
CA GLN A 364 -4.32 5.00 19.58
C GLN A 364 -4.93 6.36 19.30
N TYR A 365 -6.11 6.41 18.68
CA TYR A 365 -6.73 7.69 18.34
C TYR A 365 -8.07 7.37 17.72
N PHE A 366 -8.95 8.36 17.72
CA PHE A 366 -10.20 8.29 16.97
C PHE A 366 -10.06 9.13 15.72
N PRO A 367 -10.13 8.57 14.51
CA PRO A 367 -9.73 9.35 13.31
C PRO A 367 -10.82 10.31 12.82
N LEU A 368 -11.21 11.23 13.69
CA LEU A 368 -12.04 12.35 13.27
C LEU A 368 -11.15 13.42 12.61
N LEU A 369 -11.29 13.61 11.30
CA LEU A 369 -10.37 14.48 10.55
C LEU A 369 -10.15 15.82 11.24
N THR A 370 -8.96 16.34 11.10
CA THR A 370 -8.61 17.58 11.77
C THR A 370 -8.32 18.71 10.80
N THR A 371 -8.27 18.44 9.50
CA THR A 371 -8.00 19.50 8.53
C THR A 371 -9.26 20.25 8.13
N LYS A 372 -10.43 19.81 8.60
CA LYS A 372 -11.65 20.60 8.58
C LYS A 372 -12.45 20.22 9.81
N LYS A 373 -13.35 21.11 10.23
CA LYS A 373 -14.22 20.82 11.38
C LYS A 373 -15.31 19.84 10.96
N LEU A 374 -15.52 18.82 11.78
CA LEU A 374 -16.57 17.84 11.55
C LEU A 374 -17.42 17.71 12.80
N PHE A 375 -18.73 17.52 12.61
CA PHE A 375 -19.67 17.29 13.69
C PHE A 375 -20.09 15.83 13.71
N LEU A 376 -20.34 15.29 14.88
CA LEU A 376 -20.66 13.88 15.00
C LEU A 376 -22.07 13.60 15.51
N ARG A 377 -22.90 14.61 15.78
CA ARG A 377 -24.19 14.31 16.39
C ARG A 377 -25.13 13.63 15.40
N GLY A 378 -25.19 14.17 14.17
CA GLY A 378 -26.06 13.56 13.17
C GLY A 378 -25.69 12.13 12.88
N ILE A 379 -24.40 11.87 12.65
CA ILE A 379 -24.00 10.54 12.22
C ILE A 379 -24.23 9.54 13.35
N ILE A 380 -24.04 9.93 14.61
CA ILE A 380 -24.33 9.00 15.70
C ILE A 380 -25.81 8.66 15.69
N GLU A 381 -26.67 9.68 15.67
CA GLU A 381 -28.10 9.43 15.58
C GLU A 381 -28.42 8.49 14.42
N GLU A 382 -27.73 8.65 13.28
CA GLU A 382 -27.97 7.76 12.15
C GLU A 382 -27.63 6.31 12.48
N LEU A 383 -26.42 6.08 13.01
CA LEU A 383 -26.01 4.73 13.37
C LEU A 383 -26.99 4.10 14.36
N LEU A 384 -27.51 4.91 15.27
CA LEU A 384 -28.49 4.42 16.25
C LEU A 384 -29.80 4.06 15.57
N TRP A 385 -30.27 4.93 14.70
CA TRP A 385 -31.43 4.66 13.86
C TRP A 385 -31.23 3.36 13.08
N PHE A 386 -30.05 3.18 12.47
CA PHE A 386 -29.73 1.92 11.78
C PHE A 386 -29.95 0.71 12.69
N ILE A 387 -29.35 0.74 13.88
CA ILE A 387 -29.33 -0.45 14.72
C ILE A 387 -30.73 -0.78 15.19
N ARG A 388 -31.60 0.23 15.29
CA ARG A 388 -32.97 -0.03 15.65
C ARG A 388 -33.78 -0.68 14.52
N GLY A 389 -33.25 -0.64 13.29
CA GLY A 389 -33.93 -1.20 12.15
C GLY A 389 -34.80 -0.21 11.43
N GLU A 390 -34.73 1.06 11.79
CA GLU A 390 -35.69 2.01 11.26
C GLU A 390 -35.41 2.32 9.79
N THR A 391 -36.49 2.65 9.08
CA THR A 391 -36.40 3.17 7.73
C THR A 391 -37.21 4.44 7.60
N ASN A 392 -37.58 5.04 8.73
CA ASN A 392 -38.48 6.18 8.77
C ASN A 392 -37.68 7.47 8.82
N GLY A 393 -37.71 8.23 7.72
CA GLY A 393 -36.96 9.47 7.64
C GLY A 393 -37.40 10.53 8.63
N ASN A 394 -38.62 10.43 9.15
CA ASN A 394 -39.10 11.42 10.10
C ASN A 394 -38.37 11.33 11.43
N THR A 395 -37.94 10.13 11.84
CA THR A 395 -37.32 9.99 13.14
C THR A 395 -36.10 10.89 13.26
N LEU A 396 -35.27 10.92 12.22
CA LEU A 396 -34.07 11.76 12.24
C LEU A 396 -34.40 13.23 12.03
N LEU A 397 -35.42 13.53 11.23
CA LEU A 397 -35.77 14.93 11.01
C LEU A 397 -36.28 15.60 12.28
N ASN A 398 -37.00 14.84 13.12
CA ASN A 398 -37.43 15.34 14.44
C ASN A 398 -36.26 15.47 15.43
N LYS A 399 -35.14 14.81 15.16
CA LYS A 399 -33.89 15.07 15.85
C LYS A 399 -33.08 16.15 15.13
N ASN A 400 -33.71 16.85 14.19
CA ASN A 400 -33.07 17.85 13.33
C ASN A 400 -31.80 17.31 12.67
N VAL A 401 -31.88 16.07 12.20
CA VAL A 401 -30.83 15.44 11.42
C VAL A 401 -31.35 15.26 10.01
N ARG A 402 -30.69 15.90 9.04
CA ARG A 402 -31.21 15.97 7.69
C ARG A 402 -30.40 15.14 6.70
N ILE A 403 -29.63 14.16 7.19
CA ILE A 403 -28.75 13.40 6.32
C ILE A 403 -29.53 12.72 5.18
N TRP A 404 -30.71 12.15 5.50
CA TRP A 404 -31.50 11.37 4.55
C TRP A 404 -32.68 12.13 3.97
N GLU A 405 -32.74 13.44 4.16
CA GLU A 405 -33.98 14.16 3.88
C GLU A 405 -34.26 14.20 2.38
N ALA A 406 -33.23 14.48 1.58
CA ALA A 406 -33.42 14.63 0.14
C ALA A 406 -33.70 13.30 -0.53
N ASN A 407 -33.19 12.19 0.01
CA ASN A 407 -33.47 10.90 -0.58
C ASN A 407 -34.88 10.43 -0.29
N GLY A 408 -35.67 11.26 0.41
CA GLY A 408 -37.01 10.92 0.84
C GLY A 408 -38.11 11.85 0.35
N THR A 409 -37.79 12.83 -0.49
CA THR A 409 -38.86 13.72 -0.94
C THR A 409 -39.78 12.97 -1.88
N ARG A 410 -41.00 13.51 -1.98
CA ARG A 410 -41.93 13.05 -3.01
C ARG A 410 -41.25 13.03 -4.35
N GLU A 411 -40.50 14.09 -4.66
CA GLU A 411 -39.92 14.21 -5.99
C GLU A 411 -38.86 13.14 -6.20
N PHE A 412 -37.94 13.01 -5.24
CA PHE A 412 -36.90 11.99 -5.36
C PHE A 412 -37.50 10.60 -5.49
N LEU A 413 -38.46 10.25 -4.62
CA LEU A 413 -39.06 8.93 -4.68
C LEU A 413 -39.78 8.70 -6.01
N ASP A 414 -40.42 9.74 -6.57
CA ASP A 414 -41.05 9.61 -7.88
C ASP A 414 -40.01 9.35 -8.96
N ASN A 415 -38.90 10.10 -8.95
CA ASN A 415 -37.87 9.86 -9.94
C ASN A 415 -37.23 8.49 -9.76
N ARG A 416 -37.34 7.90 -8.57
CA ARG A 416 -36.98 6.50 -8.35
C ARG A 416 -38.11 5.54 -8.71
N LYS A 417 -39.21 6.09 -9.25
CA LYS A 417 -40.35 5.30 -9.70
C LYS A 417 -40.99 4.51 -8.53
N LEU A 418 -40.79 5.01 -7.30
CA LEU A 418 -41.46 4.50 -6.10
C LEU A 418 -42.72 5.31 -5.82
N PHE A 419 -43.67 5.24 -6.74
CA PHE A 419 -44.84 6.13 -6.68
C PHE A 419 -45.75 5.82 -5.50
N HIS A 420 -45.78 4.57 -5.04
CA HIS A 420 -46.64 4.17 -3.94
C HIS A 420 -45.92 4.22 -2.58
N ARG A 421 -44.85 4.98 -2.48
CA ARG A 421 -44.10 5.12 -1.25
C ARG A 421 -44.37 6.49 -0.65
N GLU A 422 -44.71 6.49 0.64
CA GLU A 422 -44.97 7.71 1.39
C GLU A 422 -43.68 8.49 1.56
N VAL A 423 -43.83 9.82 1.59
CA VAL A 423 -42.71 10.74 1.75
C VAL A 423 -41.92 10.38 3.00
N ASN A 424 -40.60 10.26 2.84
CA ASN A 424 -39.62 9.91 3.86
C ASN A 424 -39.69 8.46 4.32
N ASP A 425 -40.54 7.63 3.72
CA ASP A 425 -40.41 6.19 3.86
C ASP A 425 -39.33 5.74 2.91
N LEU A 426 -38.15 5.37 3.43
CA LEU A 426 -36.99 5.12 2.57
C LEU A 426 -36.91 3.71 2.02
N GLY A 427 -37.81 2.80 2.43
CA GLY A 427 -37.77 1.46 1.95
C GLY A 427 -36.76 0.59 2.68
N PRO A 428 -36.46 -0.58 2.12
CA PRO A 428 -35.63 -1.57 2.85
C PRO A 428 -34.14 -1.30 2.75
N ILE A 429 -33.68 -0.26 3.46
CA ILE A 429 -32.31 0.26 3.43
C ILE A 429 -31.59 -0.25 4.67
N TYR A 430 -30.38 0.25 4.92
CA TYR A 430 -29.47 -0.33 5.93
C TYR A 430 -30.15 -0.91 7.17
N GLY A 431 -30.94 -0.10 7.86
CA GLY A 431 -31.53 -0.56 9.11
C GLY A 431 -32.34 -1.83 8.94
N PHE A 432 -33.18 -1.86 7.89
CA PHE A 432 -33.98 -3.04 7.54
C PHE A 432 -33.12 -4.24 7.16
N GLN A 433 -32.09 -4.03 6.34
CA GLN A 433 -31.26 -5.15 5.95
C GLN A 433 -30.44 -5.70 7.12
N TRP A 434 -30.12 -4.87 8.12
CA TRP A 434 -29.35 -5.35 9.26
C TRP A 434 -30.19 -6.18 10.23
N ARG A 435 -31.49 -5.87 10.40
CA ARG A 435 -32.32 -6.65 11.30
C ARG A 435 -33.29 -7.64 10.64
N HIS A 436 -33.67 -7.44 9.36
CA HIS A 436 -34.76 -8.18 8.71
C HIS A 436 -34.45 -8.50 7.24
N PHE A 437 -33.22 -8.94 6.95
CA PHE A 437 -32.81 -9.27 5.58
C PHE A 437 -33.67 -10.40 5.02
N GLY A 438 -34.33 -10.13 3.89
CA GLY A 438 -35.11 -11.12 3.20
C GLY A 438 -36.58 -10.96 3.39
N ALA A 439 -37.00 -10.42 4.54
CA ALA A 439 -38.39 -10.10 4.78
C ALA A 439 -38.95 -9.22 3.68
N GLU A 440 -40.17 -9.52 3.28
CA GLU A 440 -40.87 -8.63 2.38
C GLU A 440 -41.16 -7.30 3.08
N TYR A 441 -40.61 -6.21 2.52
CA TYR A 441 -40.88 -4.87 2.99
C TYR A 441 -42.29 -4.47 2.61
N THR A 442 -42.99 -3.80 3.55
CA THR A 442 -44.32 -3.22 3.28
C THR A 442 -44.33 -1.70 3.41
N ASN A 443 -44.15 -1.15 4.62
CA ASN A 443 -44.03 0.28 4.81
C ASN A 443 -43.17 0.50 6.05
N MET A 444 -42.78 1.76 6.26
CA MET A 444 -41.86 2.10 7.34
C MET A 444 -42.46 1.97 8.72
N TYR A 445 -43.76 1.70 8.81
CA TYR A 445 -44.43 1.55 10.09
C TYR A 445 -44.75 0.11 10.44
N ASP A 446 -44.45 -0.84 9.58
CA ASP A 446 -44.81 -2.21 9.90
C ASP A 446 -43.94 -2.72 11.05
N ASN A 447 -44.51 -3.60 11.85
CA ASN A 447 -43.70 -4.32 12.82
C ASN A 447 -43.05 -5.47 12.06
N TYR A 448 -41.73 -5.46 11.96
CA TYR A 448 -41.03 -6.49 11.20
C TYR A 448 -40.51 -7.58 12.10
N GLU A 449 -40.84 -7.52 13.38
CA GLU A 449 -40.19 -8.33 14.39
C GLU A 449 -40.24 -9.81 14.04
N ASN A 450 -39.06 -10.44 14.09
CA ASN A 450 -38.80 -11.83 13.74
C ASN A 450 -39.17 -12.17 12.29
N LYS A 451 -39.28 -11.18 11.43
CA LYS A 451 -39.30 -11.39 10.00
C LYS A 451 -37.89 -11.13 9.45
N GLY A 452 -37.47 -11.94 8.49
CA GLY A 452 -36.14 -11.81 7.90
C GLY A 452 -35.03 -12.21 8.86
N VAL A 453 -33.79 -12.03 8.39
CA VAL A 453 -32.63 -12.52 9.10
C VAL A 453 -32.00 -11.34 9.83
N ASP A 454 -31.84 -11.49 11.15
CA ASP A 454 -31.32 -10.44 12.01
C ASP A 454 -29.79 -10.47 11.98
N GLN A 455 -29.23 -9.69 11.05
CA GLN A 455 -27.81 -9.81 10.77
C GLN A 455 -26.98 -9.33 11.95
N LEU A 456 -27.36 -8.19 12.52
CA LEU A 456 -26.56 -7.61 13.58
C LEU A 456 -26.40 -8.59 14.74
N LYS A 457 -27.53 -9.15 15.22
CA LYS A 457 -27.45 -10.12 16.32
C LYS A 457 -26.56 -11.29 15.95
N ASN A 458 -26.65 -11.74 14.70
CA ASN A 458 -25.88 -12.91 14.27
C ASN A 458 -24.38 -12.65 14.32
N ILE A 459 -23.93 -11.42 13.98
CA ILE A 459 -22.50 -11.14 14.04
C ILE A 459 -22.06 -10.96 15.50
N ILE A 460 -22.90 -10.36 16.33
CA ILE A 460 -22.54 -10.21 17.74
C ILE A 460 -22.41 -11.57 18.41
N ASN A 461 -23.28 -12.53 18.05
CA ASN A 461 -23.09 -13.88 18.58
C ASN A 461 -21.92 -14.60 17.92
N LEU A 462 -21.59 -14.24 16.68
CA LEU A 462 -20.41 -14.85 16.07
C LEU A 462 -19.12 -14.38 16.75
N ILE A 463 -19.03 -13.09 17.10
CA ILE A 463 -17.82 -12.55 17.69
C ILE A 463 -17.59 -13.11 19.10
N LYS A 464 -18.65 -13.18 19.91
CA LYS A 464 -18.54 -13.73 21.26
C LYS A 464 -18.21 -15.22 21.23
N ASN A 465 -18.90 -16.00 20.42
CA ASN A 465 -18.89 -17.45 20.54
C ASN A 465 -18.04 -18.16 19.51
N ASP A 466 -17.87 -17.58 18.32
CA ASP A 466 -17.04 -18.19 17.28
C ASP A 466 -16.05 -17.16 16.76
N PRO A 467 -15.18 -16.62 17.63
CA PRO A 467 -14.40 -15.43 17.26
C PRO A 467 -13.47 -15.63 16.06
N THR A 468 -13.05 -16.86 15.76
CA THR A 468 -12.17 -17.11 14.62
C THR A 468 -12.93 -17.36 13.33
N SER A 469 -14.24 -17.17 13.33
CA SER A 469 -15.00 -17.38 12.11
C SER A 469 -14.53 -16.39 11.06
N ARG A 470 -14.50 -16.84 9.83
CA ARG A 470 -14.21 -15.95 8.71
C ARG A 470 -15.49 -15.61 7.98
N ARG A 471 -16.61 -15.73 8.69
CA ARG A 471 -17.93 -15.47 8.14
C ARG A 471 -18.67 -14.40 8.93
N ILE A 472 -17.96 -13.54 9.66
CA ILE A 472 -18.62 -12.48 10.43
C ILE A 472 -18.77 -11.29 9.48
N LEU A 473 -19.86 -11.31 8.72
CA LEU A 473 -20.11 -10.32 7.69
C LEU A 473 -21.47 -9.70 7.92
N LEU A 474 -21.55 -8.37 7.76
CA LEU A 474 -22.79 -7.62 7.77
C LEU A 474 -22.98 -7.05 6.37
N CYS A 475 -24.12 -7.32 5.72
CA CYS A 475 -24.32 -6.96 4.32
C CYS A 475 -25.56 -6.09 4.13
N ALA A 476 -25.39 -4.93 3.52
CA ALA A 476 -26.55 -4.13 3.17
C ALA A 476 -27.02 -4.34 1.73
N TRP A 477 -26.29 -5.10 0.93
CA TRP A 477 -26.56 -5.16 -0.52
C TRP A 477 -27.43 -6.37 -0.80
N ASN A 478 -28.73 -6.18 -0.54
CA ASN A 478 -29.78 -7.14 -0.85
C ASN A 478 -30.25 -6.93 -2.29
N VAL A 479 -29.63 -7.65 -3.22
CA VAL A 479 -29.90 -7.55 -4.65
C VAL A 479 -31.40 -7.48 -4.98
N LYS A 480 -32.21 -8.26 -4.26
CA LYS A 480 -33.63 -8.31 -4.55
C LYS A 480 -34.32 -7.01 -4.17
N ASP A 481 -33.89 -6.37 -3.08
CA ASP A 481 -34.55 -5.17 -2.59
C ASP A 481 -33.98 -3.88 -3.14
N LEU A 482 -32.92 -3.93 -3.93
CA LEU A 482 -32.24 -2.72 -4.36
C LEU A 482 -33.23 -1.71 -4.95
N ASP A 483 -34.08 -2.15 -5.91
CA ASP A 483 -35.00 -1.19 -6.54
C ASP A 483 -35.96 -0.56 -5.53
N GLN A 484 -36.33 -1.29 -4.49
CA GLN A 484 -37.26 -0.71 -3.54
C GLN A 484 -36.60 0.28 -2.58
N MET A 485 -35.26 0.31 -2.51
CA MET A 485 -34.59 1.31 -1.69
C MET A 485 -34.66 2.68 -2.34
N ALA A 486 -34.75 3.72 -1.51
CA ALA A 486 -34.64 5.08 -2.03
C ALA A 486 -33.36 5.25 -2.83
N LEU A 487 -32.23 4.83 -2.27
CA LEU A 487 -30.95 4.69 -2.92
C LEU A 487 -30.38 3.32 -2.60
N PRO A 488 -29.63 2.71 -3.51
CA PRO A 488 -28.87 1.51 -3.14
C PRO A 488 -27.75 1.88 -2.18
N PRO A 489 -27.39 0.98 -1.26
CA PRO A 489 -26.40 1.35 -0.23
C PRO A 489 -25.02 1.59 -0.82
N CYS A 490 -24.34 2.59 -0.28
CA CYS A 490 -22.94 2.84 -0.61
C CYS A 490 -21.99 1.94 0.17
N HIS A 491 -22.34 1.60 1.42
CA HIS A 491 -21.48 0.80 2.32
C HIS A 491 -21.92 -0.65 2.22
N ILE A 492 -21.16 -1.43 1.47
CA ILE A 492 -21.68 -2.71 1.02
C ILE A 492 -21.66 -3.72 2.16
N LEU A 493 -20.59 -3.73 2.95
CA LEU A 493 -20.46 -4.79 3.93
C LEU A 493 -19.42 -4.42 4.97
N CYS A 494 -19.60 -4.99 6.15
CA CYS A 494 -18.66 -4.95 7.26
C CYS A 494 -18.20 -6.36 7.53
N GLN A 495 -16.90 -6.60 7.51
CA GLN A 495 -16.40 -7.89 7.97
C GLN A 495 -15.58 -7.66 9.24
N PHE A 496 -15.75 -8.55 10.21
CA PHE A 496 -15.09 -8.40 11.49
C PHE A 496 -14.01 -9.44 11.65
N TYR A 497 -13.00 -9.08 12.44
CA TYR A 497 -11.86 -9.94 12.71
C TYR A 497 -11.46 -9.77 14.17
N VAL A 498 -11.23 -10.90 14.84
CA VAL A 498 -10.96 -10.93 16.27
C VAL A 498 -9.67 -11.70 16.49
N PHE A 499 -8.75 -11.10 17.24
CA PHE A 499 -7.56 -11.80 17.67
C PHE A 499 -7.10 -11.19 18.97
N ASP A 500 -6.82 -12.04 19.96
CA ASP A 500 -6.21 -11.57 21.20
C ASP A 500 -7.12 -10.53 21.87
N GLY A 501 -8.42 -10.78 21.82
CA GLY A 501 -9.37 -9.88 22.44
C GLY A 501 -9.48 -8.51 21.81
N LYS A 502 -8.99 -8.34 20.58
CA LYS A 502 -9.07 -7.07 19.86
C LYS A 502 -9.92 -7.25 18.60
N LEU A 503 -10.90 -6.36 18.43
CA LEU A 503 -11.82 -6.38 17.30
C LEU A 503 -11.32 -5.44 16.21
N SER A 504 -11.30 -5.92 14.98
CA SER A 504 -10.99 -5.08 13.82
C SER A 504 -12.13 -5.20 12.83
N CYS A 505 -12.30 -4.16 12.02
CA CYS A 505 -13.42 -4.09 11.10
C CYS A 505 -12.97 -3.64 9.71
N ILE A 506 -13.39 -4.38 8.69
CA ILE A 506 -13.31 -3.94 7.30
C ILE A 506 -14.70 -3.53 6.86
N MET A 507 -14.82 -2.32 6.29
CA MET A 507 -16.00 -1.94 5.53
C MET A 507 -15.64 -1.65 4.07
N TYR A 508 -16.36 -2.28 3.15
CA TYR A 508 -16.15 -2.06 1.73
C TYR A 508 -17.17 -1.05 1.22
N GLN A 509 -16.67 0.02 0.60
CA GLN A 509 -17.52 1.10 0.10
C GLN A 509 -17.44 1.08 -1.42
N ARG A 510 -18.59 0.90 -2.08
CA ARG A 510 -18.60 0.77 -3.54
C ARG A 510 -18.45 2.12 -4.22
N SER A 511 -19.06 3.16 -3.67
CA SER A 511 -18.98 4.53 -4.19
C SER A 511 -18.54 5.41 -3.04
N CYS A 512 -17.58 6.31 -3.29
CA CYS A 512 -16.91 7.07 -2.25
C CYS A 512 -16.71 8.50 -2.69
N ASP A 513 -17.31 9.42 -1.96
CA ASP A 513 -17.28 10.84 -2.27
C ASP A 513 -16.27 11.43 -1.29
N LEU A 514 -15.02 11.58 -1.75
CA LEU A 514 -13.93 11.97 -0.86
C LEU A 514 -14.11 13.37 -0.27
N GLY A 515 -14.86 14.25 -0.92
CA GLY A 515 -14.93 15.59 -0.39
C GLY A 515 -15.88 15.70 0.78
N LEU A 516 -17.01 15.01 0.69
CA LEU A 516 -18.08 15.14 1.68
C LEU A 516 -18.33 13.86 2.47
N GLY A 517 -18.58 12.73 1.83
CA GLY A 517 -19.10 11.59 2.55
C GLY A 517 -18.05 10.90 3.40
N VAL A 518 -16.91 10.59 2.79
CA VAL A 518 -15.83 9.79 3.37
C VAL A 518 -15.37 10.32 4.73
N PRO A 519 -15.16 11.63 4.92
CA PRO A 519 -14.86 12.10 6.28
C PRO A 519 -15.86 11.59 7.31
N PHE A 520 -17.17 11.65 7.01
CA PHE A 520 -18.16 11.13 7.97
C PHE A 520 -18.15 9.60 8.03
N ASN A 521 -18.00 8.94 6.89
CA ASN A 521 -18.07 7.48 6.87
C ASN A 521 -16.93 6.84 7.67
N ILE A 522 -15.76 7.48 7.70
CA ILE A 522 -14.70 7.05 8.59
C ILE A 522 -15.14 7.20 10.04
N ALA A 523 -15.74 8.36 10.36
CA ALA A 523 -16.24 8.53 11.71
C ALA A 523 -17.30 7.48 12.03
N SER A 524 -18.27 7.28 11.10
CA SER A 524 -19.40 6.38 11.32
C SER A 524 -18.95 4.99 11.73
N TYR A 525 -18.12 4.38 10.89
CA TYR A 525 -17.78 2.99 11.14
C TYR A 525 -16.67 2.85 12.18
N SER A 526 -15.92 3.89 12.49
CA SER A 526 -15.06 3.83 13.66
C SER A 526 -15.88 3.70 14.94
N ILE A 527 -16.89 4.56 15.10
CA ILE A 527 -17.75 4.47 16.26
C ILE A 527 -18.38 3.08 16.33
N PHE A 528 -18.87 2.57 15.19
CA PHE A 528 -19.56 1.30 15.21
C PHE A 528 -18.65 0.17 15.67
N THR A 529 -17.41 0.16 15.18
CA THR A 529 -16.43 -0.79 15.68
C THR A 529 -16.28 -0.68 17.21
N HIS A 530 -16.16 0.55 17.73
CA HIS A 530 -16.10 0.72 19.17
C HIS A 530 -17.33 0.11 19.84
N MET A 531 -18.52 0.43 19.32
CA MET A 531 -19.73 -0.09 19.94
C MET A 531 -19.76 -1.61 19.91
N ILE A 532 -19.44 -2.20 18.75
CA ILE A 532 -19.44 -3.66 18.70
C ILE A 532 -18.36 -4.23 19.62
N ALA A 533 -17.16 -3.64 19.59
CA ALA A 533 -16.11 -4.16 20.44
C ALA A 533 -16.52 -4.16 21.90
N GLN A 534 -17.23 -3.12 22.34
CA GLN A 534 -17.58 -3.03 23.75
C GLN A 534 -18.62 -4.08 24.13
N VAL A 535 -19.71 -4.19 23.36
CA VAL A 535 -20.79 -5.09 23.75
C VAL A 535 -20.37 -6.55 23.68
N CYS A 536 -19.25 -6.85 23.03
CA CYS A 536 -18.70 -8.20 22.97
C CYS A 536 -17.51 -8.40 23.91
N ASN A 537 -17.16 -7.38 24.71
CA ASN A 537 -16.06 -7.44 25.67
C ASN A 537 -14.71 -7.58 24.97
N LEU A 538 -14.52 -6.84 23.88
CA LEU A 538 -13.21 -6.78 23.22
C LEU A 538 -12.71 -5.33 23.22
N GLN A 539 -11.42 -5.19 22.89
CA GLN A 539 -10.90 -3.85 22.72
C GLN A 539 -10.88 -3.51 21.24
N PRO A 540 -11.28 -2.32 20.85
CA PRO A 540 -11.25 -1.97 19.42
C PRO A 540 -9.81 -1.91 18.96
N ALA A 541 -9.57 -2.44 17.75
CA ALA A 541 -8.22 -2.25 17.21
C ALA A 541 -8.17 -1.46 15.91
N GLN A 542 -8.50 -2.09 14.79
CA GLN A 542 -8.21 -1.51 13.49
C GLN A 542 -9.49 -1.37 12.69
N PHE A 543 -9.77 -0.15 12.22
CA PHE A 543 -10.83 0.06 11.25
C PHE A 543 -10.18 0.23 9.89
N ILE A 544 -10.64 -0.56 8.91
CA ILE A 544 -10.01 -0.69 7.60
C ILE A 544 -11.03 -0.33 6.53
N HIS A 545 -10.75 0.71 5.78
CA HIS A 545 -11.67 1.23 4.77
C HIS A 545 -11.17 0.85 3.38
N VAL A 546 -11.92 -0.01 2.69
CA VAL A 546 -11.63 -0.34 1.30
C VAL A 546 -12.54 0.51 0.41
N LEU A 547 -11.94 1.39 -0.40
CA LEU A 547 -12.69 2.26 -1.31
C LEU A 547 -12.84 1.59 -2.67
N GLY A 548 -14.05 1.59 -3.22
CA GLY A 548 -14.27 0.99 -4.52
C GLY A 548 -14.09 2.04 -5.59
N ASN A 549 -15.19 2.59 -6.10
CA ASN A 549 -15.13 3.77 -6.96
C ASN A 549 -14.92 4.99 -6.07
N ALA A 550 -13.68 5.50 -6.01
CA ALA A 550 -13.32 6.67 -5.22
C ALA A 550 -13.27 7.89 -6.12
N HIS A 551 -14.12 8.88 -5.86
CA HIS A 551 -14.23 10.02 -6.77
C HIS A 551 -14.18 11.32 -6.00
N VAL A 552 -13.76 12.36 -6.72
CA VAL A 552 -13.76 13.75 -6.26
C VAL A 552 -14.64 14.54 -7.22
N TYR A 553 -15.65 15.22 -6.68
CA TYR A 553 -16.47 16.10 -7.50
C TYR A 553 -15.68 17.34 -7.89
N ASN A 554 -15.86 17.78 -9.13
CA ASN A 554 -15.18 18.99 -9.60
C ASN A 554 -15.51 20.20 -8.76
N ASN A 555 -16.74 20.24 -8.21
CA ASN A 555 -17.16 21.37 -7.40
C ASN A 555 -16.58 21.29 -5.98
N HIS A 556 -15.70 20.33 -5.74
CA HIS A 556 -15.02 20.15 -4.47
C HIS A 556 -13.54 20.45 -4.54
N ILE A 557 -12.98 20.49 -5.76
CA ILE A 557 -11.53 20.55 -5.95
C ILE A 557 -10.93 21.74 -5.21
N ASP A 558 -11.51 22.93 -5.38
CA ASP A 558 -10.87 24.13 -4.84
C ASP A 558 -10.87 24.14 -3.32
N SER A 559 -11.95 23.70 -2.69
CA SER A 559 -11.89 23.54 -1.24
C SER A 559 -10.86 22.49 -0.83
N LEU A 560 -10.79 21.38 -1.54
CA LEU A 560 -9.83 20.35 -1.18
C LEU A 560 -8.38 20.84 -1.34
N LYS A 561 -8.14 21.77 -2.27
CA LYS A 561 -6.80 22.35 -2.40
C LYS A 561 -6.41 23.11 -1.13
N ILE A 562 -7.33 23.93 -0.59
CA ILE A 562 -7.08 24.57 0.70
C ILE A 562 -6.75 23.52 1.75
N GLN A 563 -7.63 22.51 1.89
CA GLN A 563 -7.50 21.51 2.95
C GLN A 563 -6.22 20.70 2.82
N LEU A 564 -5.82 20.36 1.60
CA LEU A 564 -4.60 19.57 1.45
C LEU A 564 -3.35 20.32 1.85
N ASN A 565 -3.42 21.64 2.05
CA ASN A 565 -2.30 22.45 2.51
C ASN A 565 -2.43 22.86 3.97
N ARG A 566 -3.37 22.26 4.71
CA ARG A 566 -3.40 22.38 6.16
C ARG A 566 -2.70 21.18 6.79
N ILE A 567 -2.12 21.40 7.96
CA ILE A 567 -1.31 20.41 8.66
C ILE A 567 -2.16 19.83 9.77
N PRO A 568 -2.38 18.53 9.81
CA PRO A 568 -3.27 17.97 10.82
C PRO A 568 -2.76 18.22 12.24
N TYR A 569 -3.69 18.20 13.15
CA TYR A 569 -3.58 18.19 14.59
C TYR A 569 -3.63 16.76 15.12
N PRO A 570 -3.19 16.52 16.35
CA PRO A 570 -3.37 15.18 16.92
C PRO A 570 -4.84 14.84 16.99
N PHE A 571 -5.15 13.59 16.70
CA PHE A 571 -6.52 13.13 16.71
C PHE A 571 -7.13 13.20 18.11
N PRO A 572 -8.47 13.38 18.21
CA PRO A 572 -9.18 13.27 19.48
C PRO A 572 -9.37 11.82 19.91
N THR A 573 -10.19 11.61 20.93
CA THR A 573 -10.55 10.27 21.41
C THR A 573 -12.07 10.10 21.48
N LEU A 574 -12.50 8.84 21.46
CA LEU A 574 -13.88 8.47 21.72
C LEU A 574 -13.98 7.77 23.06
N LYS A 575 -14.84 8.26 23.95
CA LYS A 575 -15.24 7.51 25.14
C LYS A 575 -16.70 7.07 25.02
N LEU A 576 -16.95 5.79 25.28
CA LEU A 576 -18.30 5.24 25.39
C LEU A 576 -18.60 4.92 26.86
N ASN A 577 -19.83 5.16 27.26
CA ASN A 577 -20.26 4.78 28.60
C ASN A 577 -20.00 3.29 28.76
N PRO A 578 -19.30 2.87 29.81
CA PRO A 578 -18.97 1.43 29.95
C PRO A 578 -20.13 0.57 30.39
N ASP A 579 -21.24 1.14 30.85
CA ASP A 579 -22.34 0.35 31.39
C ASP A 579 -23.21 -0.24 30.30
N ILE A 580 -22.97 0.10 29.03
CA ILE A 580 -23.80 -0.33 27.90
C ILE A 580 -23.31 -1.70 27.45
N LYS A 581 -24.04 -2.74 27.82
CA LYS A 581 -23.62 -4.12 27.57
C LYS A 581 -24.28 -4.76 26.36
N ASN A 582 -25.29 -4.14 25.75
CA ASN A 582 -25.89 -4.65 24.54
C ASN A 582 -26.03 -3.53 23.52
N ILE A 583 -25.96 -3.90 22.22
CA ILE A 583 -25.82 -2.97 21.11
C ILE A 583 -27.05 -2.10 20.88
N GLU A 584 -28.20 -2.46 21.44
CA GLU A 584 -29.41 -1.68 21.21
C GLU A 584 -29.59 -0.57 22.20
N ASP A 585 -28.82 -0.56 23.29
CA ASP A 585 -29.08 0.33 24.42
C ASP A 585 -28.35 1.66 24.33
N PHE A 586 -27.51 1.88 23.33
CA PHE A 586 -26.77 3.12 23.26
C PHE A 586 -27.71 4.29 23.00
N THR A 587 -27.41 5.42 23.64
CA THR A 587 -28.05 6.70 23.35
C THR A 587 -26.97 7.75 23.11
N ILE A 588 -27.39 8.88 22.54
CA ILE A 588 -26.47 9.94 22.10
C ILE A 588 -25.49 10.33 23.20
N SER A 589 -25.95 10.35 24.45
CA SER A 589 -25.14 10.85 25.56
C SER A 589 -24.15 9.81 26.09
N ASP A 590 -24.19 8.59 25.59
CA ASP A 590 -23.20 7.58 25.89
C ASP A 590 -21.91 7.75 25.07
N PHE A 591 -21.88 8.68 24.13
CA PHE A 591 -20.71 8.91 23.28
C PHE A 591 -20.09 10.25 23.64
N THR A 592 -18.78 10.26 23.89
CA THR A 592 -18.02 11.47 24.17
C THR A 592 -16.78 11.52 23.30
N ILE A 593 -16.61 12.64 22.58
CA ILE A 593 -15.46 12.92 21.74
C ILE A 593 -14.65 14.02 22.41
N GLN A 594 -13.42 13.72 22.81
CA GLN A 594 -12.68 14.62 23.65
C GLN A 594 -11.43 15.14 22.97
N ASN A 595 -11.08 16.38 23.27
CA ASN A 595 -9.82 16.97 22.82
C ASN A 595 -9.76 17.07 21.29
N TYR A 596 -10.89 17.34 20.66
CA TYR A 596 -10.88 17.56 19.22
C TYR A 596 -10.27 18.92 18.95
N VAL A 597 -9.05 18.94 18.42
CA VAL A 597 -8.40 20.16 17.92
C VAL A 597 -8.49 20.14 16.41
N HIS A 598 -8.93 21.24 15.80
CA HIS A 598 -9.24 21.19 14.38
C HIS A 598 -9.04 22.54 13.72
N HIS A 599 -8.80 22.49 12.42
CA HIS A 599 -8.77 23.69 11.60
C HIS A 599 -10.17 24.24 11.43
N GLU A 600 -10.26 25.31 10.65
CA GLU A 600 -11.52 25.98 10.46
C GLU A 600 -12.47 25.13 9.62
N LYS A 601 -13.76 25.40 9.78
CA LYS A 601 -14.80 24.76 8.99
C LYS A 601 -14.57 25.02 7.50
N ILE A 602 -14.98 24.08 6.66
CA ILE A 602 -14.86 24.19 5.22
C ILE A 602 -16.20 23.83 4.58
N SER A 603 -16.74 24.74 3.78
CA SER A 603 -17.83 24.41 2.88
C SER A 603 -17.23 23.85 1.60
N MET A 604 -17.55 22.60 1.29
CA MET A 604 -16.97 22.04 0.07
C MET A 604 -17.48 22.78 -1.17
N ASP A 605 -18.68 23.35 -1.09
CA ASP A 605 -19.21 24.25 -2.10
C ASP A 605 -18.86 25.69 -1.78
N GLU B 3 41.29 -5.98 -6.03
CA GLU B 3 40.45 -5.23 -6.96
C GLU B 3 40.42 -5.88 -8.36
N GLN B 4 39.25 -5.91 -9.00
CA GLN B 4 38.99 -6.71 -10.19
C GLN B 4 38.73 -5.86 -11.42
N VAL B 5 39.22 -6.34 -12.57
CA VAL B 5 39.19 -5.55 -13.82
C VAL B 5 37.76 -5.14 -14.17
N CYS B 6 36.82 -6.10 -14.07
CA CYS B 6 35.43 -5.79 -14.33
C CYS B 6 34.84 -4.83 -13.31
N ASP B 7 35.45 -4.72 -12.13
CA ASP B 7 35.01 -3.74 -11.14
C ASP B 7 35.64 -2.38 -11.35
N VAL B 8 36.94 -2.33 -11.63
CA VAL B 8 37.60 -1.04 -11.87
C VAL B 8 37.04 -0.40 -13.13
N PHE B 9 36.94 -1.17 -14.19
CA PHE B 9 36.57 -0.61 -15.48
C PHE B 9 35.07 -0.70 -15.75
N ASP B 10 34.30 -1.33 -14.86
CA ASP B 10 32.83 -1.31 -14.88
C ASP B 10 32.29 -1.92 -16.18
N ILE B 11 32.57 -3.20 -16.38
CA ILE B 11 32.19 -3.91 -17.59
C ILE B 11 30.91 -4.71 -17.32
N TYR B 12 29.88 -4.43 -18.08
CA TYR B 12 28.60 -5.12 -17.98
C TYR B 12 28.21 -5.64 -19.36
N ALA B 13 27.44 -6.72 -19.38
CA ALA B 13 26.81 -7.17 -20.61
C ALA B 13 25.36 -6.73 -20.63
N ILE B 14 24.76 -6.79 -21.81
CA ILE B 14 23.32 -6.59 -21.92
C ILE B 14 22.82 -7.41 -23.11
N CYS B 15 21.83 -8.26 -22.85
CA CYS B 15 21.30 -9.17 -23.86
C CYS B 15 19.78 -9.24 -23.78
N ALA B 16 19.18 -9.66 -24.90
CA ALA B 16 17.77 -9.99 -24.98
C ALA B 16 17.66 -11.40 -25.54
N CYS B 17 17.18 -12.34 -24.73
CA CYS B 17 17.05 -13.72 -25.17
C CYS B 17 15.59 -14.17 -25.15
N CYS B 18 15.22 -14.91 -26.19
CA CYS B 18 13.89 -15.49 -26.35
C CYS B 18 13.97 -17.00 -26.23
N LYS B 19 12.82 -17.63 -26.04
CA LYS B 19 12.76 -19.09 -25.99
C LYS B 19 12.91 -19.66 -27.40
N VAL B 20 13.41 -20.89 -27.48
CA VAL B 20 13.82 -21.45 -28.76
C VAL B 20 13.00 -22.69 -29.10
N GLU B 21 12.73 -22.86 -30.40
CA GLU B 21 11.97 -24.02 -30.87
C GLU B 21 12.70 -25.31 -30.50
N SER B 22 11.93 -26.38 -30.35
CA SER B 22 12.45 -27.62 -29.78
C SER B 22 12.03 -28.85 -30.59
N LYS B 23 12.28 -30.04 -30.04
CA LYS B 23 11.90 -31.35 -30.60
C LYS B 23 11.98 -31.41 -32.13
N ASN B 29 5.51 -32.62 -21.65
CA ASN B 29 6.13 -32.18 -20.40
C ASN B 29 7.44 -31.46 -20.69
N GLU B 30 7.44 -30.14 -20.52
CA GLU B 30 8.63 -29.31 -20.70
C GLU B 30 9.15 -28.84 -19.35
N VAL B 31 10.47 -28.75 -19.22
CA VAL B 31 11.08 -28.22 -18.02
C VAL B 31 11.54 -26.81 -18.32
N PHE B 32 11.66 -26.01 -17.27
CA PHE B 32 11.99 -24.61 -17.41
C PHE B 32 13.10 -24.27 -16.45
N ASN B 33 14.06 -23.50 -16.93
CA ASN B 33 15.07 -22.88 -16.08
C ASN B 33 15.42 -21.54 -16.69
N ASN B 34 16.40 -20.85 -16.10
CA ASN B 34 16.80 -19.57 -16.67
C ASN B 34 17.27 -19.74 -18.11
N TYR B 35 17.96 -20.86 -18.39
CA TYR B 35 18.47 -21.12 -19.73
C TYR B 35 17.38 -21.43 -20.75
N THR B 36 16.10 -21.38 -20.36
CA THR B 36 15.03 -21.41 -21.36
C THR B 36 15.10 -20.17 -22.25
N PHE B 37 15.51 -19.03 -21.72
CA PHE B 37 15.64 -17.80 -22.49
C PHE B 37 17.09 -17.69 -22.95
N ARG B 38 17.37 -18.12 -24.17
CA ARG B 38 18.74 -18.07 -24.66
C ARG B 38 18.85 -17.72 -26.15
N GLY B 39 17.77 -17.40 -26.84
CA GLY B 39 17.86 -17.10 -28.25
C GLY B 39 18.36 -15.69 -28.52
N LEU B 40 19.54 -15.56 -29.12
CA LEU B 40 20.10 -14.25 -29.40
C LEU B 40 19.80 -13.74 -30.82
N GLY B 41 19.95 -14.60 -31.83
CA GLY B 41 19.70 -14.12 -33.18
C GLY B 41 19.42 -15.27 -34.13
N ASN B 42 18.97 -14.91 -35.33
CA ASN B 42 18.72 -15.86 -36.40
C ASN B 42 19.15 -15.23 -37.72
N LYS B 43 19.90 -15.98 -38.53
CA LYS B 43 20.30 -15.58 -39.89
C LYS B 43 20.91 -14.18 -39.93
N GLY B 44 21.79 -13.91 -38.97
CA GLY B 44 22.44 -12.61 -38.86
C GLY B 44 21.62 -11.53 -38.18
N VAL B 45 20.31 -11.69 -38.09
CA VAL B 45 19.43 -10.67 -37.55
C VAL B 45 18.76 -11.14 -36.25
N LEU B 46 17.96 -10.28 -35.64
CA LEU B 46 17.28 -10.67 -34.42
C LEU B 46 16.23 -11.76 -34.71
N PRO B 47 15.94 -12.62 -33.73
CA PRO B 47 14.93 -13.68 -33.97
C PRO B 47 13.52 -13.14 -34.15
N TRP B 48 13.18 -12.01 -33.54
CA TRP B 48 11.88 -11.37 -33.65
C TRP B 48 11.93 -10.24 -34.66
N LYS B 49 10.76 -9.75 -35.05
CA LYS B 49 10.71 -8.72 -36.08
C LYS B 49 10.93 -7.33 -35.51
N CYS B 50 10.34 -7.03 -34.35
CA CYS B 50 10.62 -5.81 -33.60
C CYS B 50 9.95 -5.90 -32.23
N ILE B 51 10.70 -5.59 -31.18
CA ILE B 51 10.13 -5.49 -29.82
C ILE B 51 10.62 -4.15 -29.27
N SER B 52 9.82 -3.10 -29.49
CA SER B 52 10.29 -1.73 -29.24
C SER B 52 10.64 -1.49 -27.77
N LEU B 53 9.92 -2.13 -26.84
CA LEU B 53 10.15 -1.80 -25.43
C LEU B 53 11.54 -2.23 -24.97
N ASP B 54 12.08 -3.30 -25.56
CA ASP B 54 13.44 -3.71 -25.23
C ASP B 54 14.46 -2.75 -25.81
N MET B 55 14.20 -2.25 -27.03
CA MET B 55 15.06 -1.23 -27.61
C MET B 55 15.12 0.00 -26.74
N LYS B 56 13.97 0.46 -26.23
CA LYS B 56 13.96 1.60 -25.34
C LYS B 56 14.79 1.33 -24.10
N TYR B 57 14.57 0.16 -23.50
CA TYR B 57 15.39 -0.22 -22.35
C TYR B 57 16.88 -0.20 -22.70
N PHE B 58 17.25 -0.89 -23.79
CA PHE B 58 18.64 -0.97 -24.21
C PHE B 58 19.22 0.42 -24.46
N ARG B 59 18.53 1.21 -25.26
CA ARG B 59 19.00 2.55 -25.60
C ARG B 59 19.08 3.44 -24.36
N ALA B 60 18.14 3.30 -23.43
CA ALA B 60 18.23 4.08 -22.20
C ALA B 60 19.39 3.62 -21.32
N VAL B 61 19.61 2.30 -21.22
CA VAL B 61 20.61 1.77 -20.31
C VAL B 61 22.02 2.05 -20.80
N THR B 62 22.24 1.92 -22.11
CA THR B 62 23.59 2.05 -22.62
C THR B 62 23.98 3.51 -22.90
N THR B 63 23.08 4.46 -22.65
CA THR B 63 23.41 5.88 -22.80
C THR B 63 23.28 6.69 -21.52
N TYR B 64 22.87 6.10 -20.40
CA TYR B 64 22.75 6.86 -19.15
C TYR B 64 24.12 7.00 -18.48
N VAL B 65 24.46 8.23 -18.08
CA VAL B 65 25.66 8.49 -17.30
C VAL B 65 25.33 9.53 -16.24
N ASN B 66 26.09 9.50 -15.15
CA ASN B 66 25.95 10.45 -14.05
C ASN B 66 27.32 11.09 -13.82
N GLU B 67 27.50 12.33 -14.29
CA GLU B 67 28.81 12.97 -14.24
C GLU B 67 29.29 13.19 -12.81
N SER B 68 28.37 13.37 -11.87
CA SER B 68 28.76 13.56 -10.48
C SER B 68 29.32 12.30 -9.85
N LYS B 69 29.42 11.20 -10.60
CA LYS B 69 30.00 9.98 -10.09
C LYS B 69 31.25 9.56 -10.85
N TYR B 70 31.65 10.33 -11.87
CA TYR B 70 32.83 9.92 -12.62
C TYR B 70 34.11 10.21 -11.85
N GLU B 71 34.16 11.32 -11.10
CA GLU B 71 35.40 11.67 -10.41
C GLU B 71 35.83 10.54 -9.47
N LYS B 72 34.87 9.82 -8.90
CA LYS B 72 35.20 8.66 -8.06
C LYS B 72 35.72 7.49 -8.90
N LEU B 73 35.09 7.21 -10.05
CA LEU B 73 35.52 6.15 -10.96
C LEU B 73 36.86 6.47 -11.60
N LYS B 74 37.01 7.70 -12.11
CA LYS B 74 38.26 8.13 -12.72
C LYS B 74 39.40 8.00 -11.71
N TYR B 75 39.17 8.46 -10.48
CA TYR B 75 40.18 8.31 -9.43
C TYR B 75 40.51 6.84 -9.20
N LYS B 76 39.48 5.99 -9.14
CA LYS B 76 39.70 4.57 -8.92
C LYS B 76 40.53 3.95 -10.03
N ARG B 77 40.16 4.25 -11.28
CA ARG B 77 40.85 3.63 -12.41
C ARG B 77 42.31 4.05 -12.45
N CYS B 78 42.59 5.31 -12.09
CA CYS B 78 43.96 5.79 -12.13
C CYS B 78 44.84 5.09 -11.09
N LYS B 79 44.38 5.04 -9.84
CA LYS B 79 45.20 4.41 -8.80
C LYS B 79 45.53 2.96 -9.17
N TYR B 80 44.57 2.27 -9.78
CA TYR B 80 44.76 0.87 -10.16
C TYR B 80 45.88 0.72 -11.19
N LEU B 81 45.96 1.65 -12.14
CA LEU B 81 46.97 1.60 -13.19
C LEU B 81 48.25 2.35 -12.84
N ASN B 82 48.39 2.82 -11.60
CA ASN B 82 49.56 3.59 -11.15
C ASN B 82 49.74 4.85 -11.99
N LYS B 83 48.67 5.63 -12.09
CA LYS B 83 48.68 6.92 -12.77
C LYS B 83 48.00 7.96 -11.89
N GLU B 84 48.09 9.22 -12.31
CA GLU B 84 47.34 10.31 -11.72
C GLU B 84 46.37 10.95 -12.70
N THR B 85 46.43 10.56 -13.98
CA THR B 85 45.56 11.03 -15.06
C THR B 85 45.13 9.82 -15.89
N VAL B 86 44.10 10.01 -16.73
CA VAL B 86 43.65 8.90 -17.58
C VAL B 86 44.45 8.85 -18.89
N LYS B 97 32.14 15.75 -23.03
CA LYS B 97 30.84 15.21 -22.61
C LYS B 97 30.91 13.70 -22.36
N LEU B 98 30.56 13.27 -21.15
CA LEU B 98 30.78 11.88 -20.77
C LEU B 98 29.85 10.94 -21.53
N GLN B 99 30.38 9.75 -21.83
CA GLN B 99 29.68 8.77 -22.66
C GLN B 99 30.03 7.37 -22.18
N ASN B 100 29.09 6.44 -22.39
CA ASN B 100 29.39 5.05 -22.13
C ASN B 100 30.15 4.47 -23.32
N VAL B 101 30.66 3.26 -23.13
CA VAL B 101 31.32 2.49 -24.18
C VAL B 101 30.48 1.27 -24.47
N VAL B 102 30.31 0.98 -25.77
CA VAL B 102 29.54 -0.17 -26.22
C VAL B 102 30.45 -1.04 -27.08
N VAL B 103 30.75 -2.24 -26.60
CA VAL B 103 31.64 -3.18 -27.26
C VAL B 103 30.82 -4.21 -28.03
N MET B 104 31.12 -4.38 -29.32
CA MET B 104 30.35 -5.26 -30.20
C MET B 104 31.26 -6.21 -30.95
N GLY B 105 30.70 -7.37 -31.31
CA GLY B 105 31.38 -8.30 -32.19
C GLY B 105 31.28 -7.88 -33.65
N ARG B 106 32.15 -8.49 -34.46
CA ARG B 106 32.25 -8.10 -35.87
C ARG B 106 30.93 -8.29 -36.60
N THR B 107 30.37 -9.51 -36.52
CA THR B 107 29.08 -9.77 -37.16
C THR B 107 28.03 -8.81 -36.61
N ASN B 108 28.05 -8.59 -35.29
CA ASN B 108 27.09 -7.69 -34.64
C ASN B 108 27.16 -6.30 -35.25
N TRP B 109 28.36 -5.83 -35.57
CA TRP B 109 28.52 -4.56 -36.26
C TRP B 109 27.99 -4.63 -37.68
N GLU B 110 28.20 -5.75 -38.36
CA GLU B 110 27.61 -5.94 -39.68
C GLU B 110 26.09 -6.00 -39.61
N SER B 111 25.54 -6.43 -38.47
CA SER B 111 24.10 -6.56 -38.30
C SER B 111 23.39 -5.22 -38.41
N ILE B 112 23.97 -4.17 -37.83
CA ILE B 112 23.24 -2.89 -37.71
C ILE B 112 23.22 -2.19 -39.05
N PRO B 113 22.12 -1.51 -39.41
CA PRO B 113 22.13 -0.65 -40.59
C PRO B 113 23.15 0.46 -40.45
N LYS B 114 23.60 0.98 -41.58
CA LYS B 114 24.68 1.96 -41.55
C LYS B 114 24.20 3.34 -41.08
N LYS B 115 22.90 3.61 -41.14
CA LYS B 115 22.39 4.88 -40.62
C LYS B 115 22.34 4.89 -39.10
N PHE B 116 22.36 3.72 -38.46
CA PHE B 116 22.41 3.60 -37.02
C PHE B 116 23.79 3.24 -36.51
N LYS B 117 24.84 3.56 -37.29
CA LYS B 117 26.22 3.24 -36.94
C LYS B 117 27.08 4.47 -37.17
N PRO B 118 27.86 4.90 -36.19
CA PRO B 118 27.99 4.34 -34.84
C PRO B 118 26.78 4.70 -33.98
N LEU B 119 26.59 4.03 -32.84
CA LEU B 119 25.40 4.26 -32.02
C LEU B 119 25.45 5.62 -31.34
N SER B 120 24.32 6.32 -31.35
CA SER B 120 24.29 7.72 -30.95
C SER B 120 24.76 7.90 -29.50
N ASN B 121 25.72 8.83 -29.32
CA ASN B 121 26.24 9.27 -28.01
C ASN B 121 26.91 8.15 -27.23
N ARG B 122 27.51 7.18 -27.90
CA ARG B 122 28.28 6.15 -27.23
C ARG B 122 29.62 5.97 -27.93
N ILE B 123 30.64 5.64 -27.14
CA ILE B 123 31.94 5.28 -27.66
C ILE B 123 31.83 3.90 -28.25
N ASN B 124 31.68 3.82 -29.56
CA ASN B 124 31.59 2.54 -30.26
C ASN B 124 32.95 1.87 -30.35
N VAL B 125 33.01 0.60 -29.97
CA VAL B 125 34.22 -0.20 -29.99
C VAL B 125 33.90 -1.53 -30.64
N ILE B 126 34.64 -1.89 -31.69
CA ILE B 126 34.38 -3.12 -32.43
C ILE B 126 35.56 -4.07 -32.26
N LEU B 127 35.28 -5.24 -31.70
CA LEU B 127 36.27 -6.30 -31.55
C LEU B 127 36.33 -7.10 -32.85
N SER B 128 37.53 -7.17 -33.45
CA SER B 128 37.70 -7.86 -34.73
C SER B 128 39.16 -8.16 -35.01
N ARG B 129 39.39 -9.30 -35.68
CA ARG B 129 40.70 -9.69 -36.16
C ARG B 129 40.95 -9.37 -37.63
N THR B 130 39.93 -8.88 -38.35
CA THR B 130 40.03 -8.73 -39.80
C THR B 130 39.75 -7.31 -40.28
N LEU B 131 39.37 -6.41 -39.37
CA LEU B 131 38.95 -5.05 -39.67
C LEU B 131 40.11 -4.05 -39.54
N LYS B 132 39.78 -2.81 -39.10
CA LYS B 132 40.59 -1.60 -39.20
C LYS B 132 40.56 -0.94 -40.57
N LYS B 133 39.44 -0.27 -40.84
CA LYS B 133 39.20 0.57 -42.02
C LYS B 133 40.47 1.24 -42.52
N GLU B 134 41.18 1.98 -41.65
CA GLU B 134 42.54 2.44 -41.94
C GLU B 134 43.42 2.17 -40.74
N ASP B 139 35.23 8.59 -32.77
CA ASP B 139 35.84 7.60 -33.65
C ASP B 139 35.49 6.19 -33.19
N VAL B 140 35.42 5.26 -34.15
CA VAL B 140 35.15 3.85 -33.87
C VAL B 140 36.48 3.12 -33.74
N TYR B 141 36.63 2.33 -32.67
CA TYR B 141 37.88 1.67 -32.33
C TYR B 141 37.79 0.19 -32.70
N ILE B 142 38.83 -0.32 -33.37
CA ILE B 142 38.95 -1.76 -33.64
C ILE B 142 39.98 -2.33 -32.69
N ILE B 143 39.58 -3.34 -31.92
CA ILE B 143 40.46 -4.00 -30.97
C ILE B 143 40.60 -5.46 -31.39
N ASN B 144 41.84 -5.93 -31.49
CA ASN B 144 42.08 -7.25 -32.07
C ASN B 144 41.89 -8.37 -31.07
N LYS B 145 42.06 -8.09 -29.78
CA LYS B 145 41.93 -9.09 -28.73
C LYS B 145 41.17 -8.47 -27.58
N VAL B 146 40.51 -9.32 -26.78
CA VAL B 146 39.71 -8.81 -25.69
C VAL B 146 40.57 -8.04 -24.67
N GLU B 147 41.87 -8.29 -24.67
CA GLU B 147 42.77 -7.60 -23.74
C GLU B 147 43.01 -6.16 -24.14
N ASP B 148 42.83 -5.82 -25.41
CA ASP B 148 42.98 -4.43 -25.84
C ASP B 148 41.87 -3.54 -25.31
N LEU B 149 40.75 -4.14 -24.86
CA LEU B 149 39.70 -3.34 -24.24
C LEU B 149 40.18 -2.68 -22.96
N ILE B 150 40.74 -3.47 -22.04
CA ILE B 150 41.23 -2.93 -20.77
C ILE B 150 42.26 -1.84 -21.03
N VAL B 151 43.10 -2.07 -22.04
CA VAL B 151 44.10 -1.06 -22.42
C VAL B 151 43.41 0.18 -22.98
N LEU B 152 42.37 -0.01 -23.81
CA LEU B 152 41.67 1.14 -24.38
C LEU B 152 40.82 1.86 -23.34
N LEU B 153 40.17 1.12 -22.45
CA LEU B 153 39.42 1.79 -21.39
C LEU B 153 40.35 2.53 -20.43
N GLY B 154 41.53 1.94 -20.16
CA GLY B 154 42.50 2.52 -19.25
C GLY B 154 43.00 3.88 -19.67
N LYS B 155 42.78 4.25 -20.94
CA LYS B 155 43.10 5.58 -21.44
C LYS B 155 41.88 6.28 -22.04
N LEU B 156 40.67 5.96 -21.58
CA LEU B 156 39.48 6.65 -22.04
C LEU B 156 38.75 7.30 -20.88
N ASN B 157 37.98 8.35 -21.21
CA ASN B 157 37.01 8.96 -20.29
C ASN B 157 35.63 8.39 -20.59
N TYR B 158 35.15 7.49 -19.72
CA TYR B 158 33.87 6.85 -19.93
C TYR B 158 33.25 6.47 -18.59
N TYR B 159 31.92 6.45 -18.56
CA TYR B 159 31.20 6.08 -17.34
C TYR B 159 31.23 4.57 -17.12
N LYS B 160 30.57 3.82 -18.00
CA LYS B 160 30.45 2.37 -17.88
C LYS B 160 30.59 1.72 -19.25
N CYS B 161 31.05 0.48 -19.27
CA CYS B 161 31.37 -0.23 -20.50
C CYS B 161 30.43 -1.42 -20.69
N PHE B 162 29.75 -1.49 -21.85
CA PHE B 162 28.73 -2.50 -22.10
C PHE B 162 29.14 -3.43 -23.25
N ILE B 163 29.02 -4.74 -23.01
CA ILE B 163 29.31 -5.76 -24.00
C ILE B 163 28.00 -6.08 -24.72
N LEU B 164 27.82 -5.54 -25.92
CA LEU B 164 26.62 -5.81 -26.71
C LEU B 164 26.65 -7.15 -27.42
N GLY B 165 27.61 -8.03 -27.09
CA GLY B 165 27.72 -9.29 -27.80
C GLY B 165 28.44 -9.15 -29.14
N GLY B 166 28.10 -10.03 -30.07
CA GLY B 166 27.12 -11.11 -30.00
C GLY B 166 27.60 -12.39 -29.35
N SER B 167 27.26 -13.52 -29.98
CA SER B 167 27.27 -14.81 -29.27
C SER B 167 28.65 -15.15 -28.74
N VAL B 168 29.69 -15.01 -29.58
CA VAL B 168 31.04 -15.35 -29.16
C VAL B 168 31.56 -14.38 -28.11
N VAL B 169 31.36 -13.08 -28.36
CA VAL B 169 31.84 -12.05 -27.45
C VAL B 169 31.26 -12.25 -26.05
N TYR B 170 29.97 -12.60 -25.96
CA TYR B 170 29.39 -12.96 -24.67
C TYR B 170 30.13 -14.13 -24.03
N GLN B 171 30.47 -15.14 -24.83
CA GLN B 171 31.08 -16.33 -24.26
C GLN B 171 32.42 -16.00 -23.60
N GLU B 172 33.30 -15.32 -24.33
CA GLU B 172 34.65 -15.08 -23.84
C GLU B 172 34.65 -14.13 -22.65
N PHE B 173 33.86 -13.05 -22.72
CA PHE B 173 33.81 -12.10 -21.60
C PHE B 173 33.28 -12.75 -20.32
N LEU B 174 32.36 -13.70 -20.43
CA LEU B 174 31.89 -14.43 -19.26
C LEU B 174 32.95 -15.37 -18.74
N GLU B 175 33.64 -16.08 -19.65
CA GLU B 175 34.72 -16.96 -19.25
C GLU B 175 35.75 -16.20 -18.42
N LYS B 176 36.23 -15.08 -18.96
CA LYS B 176 37.25 -14.27 -18.32
C LYS B 176 36.73 -13.42 -17.17
N LYS B 177 35.51 -13.72 -16.68
CA LYS B 177 34.96 -13.08 -15.48
C LYS B 177 35.00 -11.57 -15.57
N LEU B 178 35.08 -11.06 -16.79
CA LEU B 178 35.11 -9.63 -17.06
C LEU B 178 33.73 -8.98 -17.01
N ILE B 179 32.72 -9.67 -16.49
CA ILE B 179 31.34 -9.16 -16.48
C ILE B 179 30.93 -8.93 -15.03
N LYS B 180 30.52 -7.70 -14.72
CA LYS B 180 30.08 -7.31 -13.37
C LYS B 180 28.60 -7.64 -13.17
N LYS B 181 27.76 -7.18 -14.08
CA LYS B 181 26.34 -7.47 -14.08
C LYS B 181 25.93 -7.84 -15.49
N ILE B 182 24.88 -8.65 -15.60
CA ILE B 182 24.26 -8.98 -16.88
C ILE B 182 22.86 -8.40 -16.89
N TYR B 183 22.61 -7.52 -17.86
CA TYR B 183 21.31 -6.91 -18.05
C TYR B 183 20.56 -7.78 -19.05
N PHE B 184 19.62 -8.56 -18.54
CA PHE B 184 19.03 -9.68 -19.26
C PHE B 184 17.55 -9.43 -19.49
N THR B 185 17.18 -9.13 -20.73
CA THR B 185 15.79 -9.09 -21.14
C THR B 185 15.30 -10.50 -21.39
N ARG B 186 14.17 -10.85 -20.78
CA ARG B 186 13.55 -12.16 -21.02
C ARG B 186 12.33 -11.96 -21.93
N ILE B 187 12.46 -12.43 -23.17
CA ILE B 187 11.44 -12.30 -24.20
C ILE B 187 10.63 -13.59 -24.18
N ASN B 188 9.41 -13.52 -23.65
CA ASN B 188 8.62 -14.72 -23.35
C ASN B 188 7.80 -15.13 -24.58
N SER B 189 8.53 -15.59 -25.59
CA SER B 189 7.94 -16.26 -26.76
C SER B 189 9.02 -17.05 -27.47
N THR B 190 8.60 -17.86 -28.44
CA THR B 190 9.45 -18.86 -29.07
C THR B 190 9.76 -18.44 -30.49
N TYR B 191 11.04 -18.48 -30.87
CA TYR B 191 11.43 -18.07 -32.21
C TYR B 191 12.41 -19.07 -32.80
N GLU B 192 12.57 -19.00 -34.12
CA GLU B 192 13.63 -19.73 -34.79
C GLU B 192 14.93 -18.95 -34.66
N CYS B 193 16.00 -19.62 -34.23
CA CYS B 193 17.30 -19.02 -33.96
C CYS B 193 18.41 -19.88 -34.52
N ASP B 194 19.58 -19.26 -34.78
CA ASP B 194 20.80 -20.01 -35.01
C ASP B 194 21.92 -19.70 -34.03
N VAL B 195 21.75 -18.72 -33.13
CA VAL B 195 22.76 -18.36 -32.15
C VAL B 195 22.10 -18.17 -30.79
N PHE B 196 22.84 -18.50 -29.73
CA PHE B 196 22.28 -18.61 -28.39
C PHE B 196 23.24 -18.02 -27.35
N PHE B 197 22.67 -17.46 -26.29
CA PHE B 197 23.47 -16.90 -25.22
C PHE B 197 24.22 -18.01 -24.48
N PRO B 198 25.38 -17.71 -23.93
CA PRO B 198 26.08 -18.70 -23.09
C PRO B 198 25.25 -19.09 -21.87
N GLU B 199 25.36 -20.35 -21.47
CA GLU B 199 24.65 -20.79 -20.28
C GLU B 199 25.25 -20.07 -19.07
N ILE B 200 24.52 -19.07 -18.56
CA ILE B 200 24.97 -18.35 -17.38
C ILE B 200 25.18 -19.32 -16.24
N ASN B 201 26.29 -19.16 -15.53
CA ASN B 201 26.77 -20.13 -14.55
C ASN B 201 26.36 -19.68 -13.16
N GLU B 202 25.37 -20.37 -12.60
CA GLU B 202 24.70 -19.90 -11.40
C GLU B 202 25.66 -19.72 -10.24
N ASN B 203 26.86 -20.29 -10.32
CA ASN B 203 27.89 -19.94 -9.35
C ASN B 203 28.47 -18.56 -9.64
N GLU B 204 28.77 -18.27 -10.91
CA GLU B 204 29.39 -17.00 -11.24
C GLU B 204 28.44 -15.84 -10.98
N TYR B 205 27.16 -15.99 -11.30
CA TYR B 205 26.20 -14.90 -11.27
C TYR B 205 24.92 -15.30 -10.55
N GLN B 206 24.27 -14.33 -9.95
CA GLN B 206 22.98 -14.51 -9.30
C GLN B 206 22.06 -13.35 -9.65
N ILE B 207 20.78 -13.67 -9.82
CA ILE B 207 19.79 -12.65 -10.11
C ILE B 207 19.60 -11.82 -8.86
N ILE B 208 19.79 -10.50 -8.98
CA ILE B 208 19.59 -9.63 -7.83
C ILE B 208 18.31 -8.81 -7.92
N SER B 209 17.81 -8.53 -9.13
CA SER B 209 16.64 -7.68 -9.31
C SER B 209 15.80 -8.19 -10.46
N VAL B 210 14.48 -7.92 -10.38
CA VAL B 210 13.50 -8.31 -11.38
C VAL B 210 12.52 -7.15 -11.54
N SER B 211 12.05 -6.98 -12.77
CA SER B 211 11.25 -5.82 -13.11
C SER B 211 9.78 -6.21 -13.19
N ASP B 212 8.94 -5.18 -13.39
CA ASP B 212 7.57 -5.36 -13.83
C ASP B 212 7.50 -6.27 -15.06
N VAL B 213 6.33 -6.90 -15.31
CA VAL B 213 6.11 -7.57 -16.59
C VAL B 213 5.41 -6.59 -17.53
N TYR B 214 5.65 -6.73 -18.83
CA TYR B 214 5.09 -5.85 -19.83
C TYR B 214 4.66 -6.65 -21.05
N THR B 215 3.80 -6.05 -21.87
CA THR B 215 3.49 -6.57 -23.21
C THR B 215 3.94 -5.58 -24.27
N SER B 216 4.64 -6.08 -25.29
CA SER B 216 5.10 -5.25 -26.40
C SER B 216 5.08 -6.09 -27.67
N ASN B 217 4.44 -5.57 -28.72
CA ASN B 217 4.46 -6.24 -30.02
C ASN B 217 4.03 -7.69 -29.90
N ASN B 218 2.98 -7.94 -29.11
CA ASN B 218 2.36 -9.26 -28.98
C ASN B 218 3.25 -10.29 -28.25
N THR B 219 4.10 -9.85 -27.33
CA THR B 219 4.83 -10.78 -26.46
C THR B 219 5.00 -10.15 -25.08
N THR B 220 4.97 -10.99 -24.05
CA THR B 220 5.38 -10.48 -22.77
C THR B 220 6.91 -10.55 -22.66
N LEU B 221 7.45 -9.62 -21.87
CA LEU B 221 8.88 -9.54 -21.56
C LEU B 221 9.05 -8.95 -20.17
N ASP B 222 10.17 -9.30 -19.53
CA ASP B 222 10.55 -8.71 -18.25
C ASP B 222 12.07 -8.61 -18.19
N PHE B 223 12.55 -7.74 -17.30
CA PHE B 223 13.95 -7.34 -17.26
C PHE B 223 14.52 -7.74 -15.94
N ILE B 224 15.61 -8.48 -15.98
CA ILE B 224 16.27 -8.98 -14.78
C ILE B 224 17.74 -8.57 -14.81
N ILE B 225 18.34 -8.56 -13.63
CA ILE B 225 19.73 -8.19 -13.46
C ILE B 225 20.46 -9.35 -12.81
N TYR B 226 21.53 -9.82 -13.47
CA TYR B 226 22.46 -10.77 -12.88
C TYR B 226 23.63 -10.03 -12.23
N LYS B 227 23.97 -10.42 -11.00
CA LYS B 227 25.12 -9.84 -10.32
C LYS B 227 26.22 -10.87 -10.18
N LYS B 228 27.46 -10.44 -10.42
CA LYS B 228 28.60 -11.28 -10.10
C LYS B 228 28.66 -11.50 -8.60
N THR B 229 28.90 -12.75 -8.20
CA THR B 229 28.89 -13.12 -6.81
C THR B 229 30.31 -13.14 -6.25
N ASN B 230 30.46 -13.62 -5.02
CA ASN B 230 31.74 -13.65 -4.33
C ASN B 230 31.73 -14.62 -3.16
N GLU B 285 20.62 14.28 8.54
CA GLU B 285 19.75 15.33 9.06
C GLU B 285 18.30 14.88 8.99
N GLU B 286 17.81 14.66 7.76
CA GLU B 286 16.59 13.87 7.58
C GLU B 286 16.88 12.39 7.80
N GLU B 287 18.15 11.98 7.73
CA GLU B 287 18.52 10.65 8.17
C GLU B 287 18.22 10.49 9.66
N ASP B 288 18.69 11.45 10.47
CA ASP B 288 18.40 11.41 11.90
C ASP B 288 16.91 11.48 12.17
N ASP B 289 16.20 12.39 11.48
CA ASP B 289 14.78 12.57 11.73
C ASP B 289 14.00 11.28 11.50
N PHE B 290 14.32 10.56 10.43
CA PHE B 290 13.71 9.26 10.20
C PHE B 290 13.92 8.32 11.40
N VAL B 291 15.12 8.35 11.99
CA VAL B 291 15.39 7.43 13.10
C VAL B 291 14.55 7.79 14.31
N TYR B 292 14.36 9.09 14.56
CA TYR B 292 13.56 9.50 15.70
C TYR B 292 12.13 9.01 15.55
N PHE B 293 11.59 9.05 14.34
CA PHE B 293 10.22 8.62 14.16
C PHE B 293 10.06 7.12 14.33
N ASN B 294 11.13 6.37 14.13
CA ASN B 294 11.07 4.94 14.37
C ASN B 294 11.31 4.56 15.82
N PHE B 295 11.38 5.56 16.72
CA PHE B 295 11.77 5.31 18.11
C PHE B 295 10.88 4.28 18.80
N ASN B 296 9.59 4.19 18.43
CA ASN B 296 8.66 3.33 19.14
C ASN B 296 8.44 1.97 18.49
N LYS B 297 9.02 1.70 17.33
CA LYS B 297 8.87 0.39 16.70
C LYS B 297 9.40 -0.71 17.62
N ASN B 303 11.00 -14.84 13.77
CA ASN B 303 10.90 -13.45 14.19
C ASN B 303 9.94 -13.33 15.35
N LYS B 304 8.65 -13.38 15.00
CA LYS B 304 7.56 -13.43 15.96
C LYS B 304 6.90 -14.80 16.03
N ASN B 305 7.05 -15.64 14.99
CA ASN B 305 6.32 -16.91 14.89
C ASN B 305 7.24 -18.06 14.50
N SER B 306 8.48 -18.05 15.00
CA SER B 306 9.43 -19.17 14.84
C SER B 306 9.83 -19.37 13.37
N ILE B 307 9.87 -18.29 12.60
CA ILE B 307 10.33 -18.34 11.21
C ILE B 307 11.70 -17.69 11.17
N HIS B 308 12.69 -18.43 10.66
CA HIS B 308 14.06 -17.95 10.60
C HIS B 308 14.30 -17.43 9.20
N PRO B 309 14.44 -16.12 8.99
CA PRO B 309 14.46 -15.57 7.62
C PRO B 309 15.64 -16.05 6.77
N ASN B 310 16.67 -16.67 7.35
CA ASN B 310 17.70 -17.29 6.51
C ASN B 310 17.14 -18.39 5.64
N ASP B 311 15.96 -18.93 5.98
CA ASP B 311 15.23 -19.79 5.07
C ASP B 311 14.71 -19.04 3.85
N PHE B 312 14.65 -17.71 3.93
CA PHE B 312 14.30 -16.85 2.80
C PHE B 312 15.53 -16.09 2.33
N GLN B 313 16.66 -16.81 2.27
CA GLN B 313 17.92 -16.19 1.87
C GLN B 313 17.80 -15.57 0.49
N ILE B 314 17.35 -16.37 -0.49
CA ILE B 314 17.23 -15.85 -1.85
C ILE B 314 16.18 -14.76 -1.93
N TYR B 315 15.07 -14.94 -1.21
CA TYR B 315 14.00 -13.95 -1.24
C TYR B 315 14.47 -12.63 -0.66
N ASN B 316 15.22 -12.67 0.43
CA ASN B 316 15.70 -11.46 1.07
C ASN B 316 17.00 -10.94 0.47
N SER B 317 17.52 -11.57 -0.59
CA SER B 317 18.73 -11.11 -1.25
C SER B 317 18.45 -10.34 -2.53
N LEU B 318 17.19 -10.01 -2.80
CA LEU B 318 16.87 -9.26 -4.01
C LEU B 318 16.65 -7.81 -3.63
N LYS B 319 17.37 -6.91 -4.30
CA LYS B 319 17.22 -5.49 -4.01
C LYS B 319 15.90 -4.97 -4.55
N TYR B 320 15.69 -5.12 -5.85
CA TYR B 320 14.47 -4.72 -6.51
C TYR B 320 13.65 -5.96 -6.84
N LYS B 321 12.37 -5.94 -6.43
CA LYS B 321 11.41 -6.99 -6.78
C LYS B 321 10.13 -6.32 -7.29
N TYR B 322 10.14 -5.94 -8.56
CA TYR B 322 9.02 -5.27 -9.18
C TYR B 322 8.01 -6.21 -9.81
N HIS B 323 8.37 -7.47 -9.98
CA HIS B 323 7.48 -8.41 -10.63
C HIS B 323 6.14 -8.47 -9.88
N PRO B 324 5.00 -8.42 -10.59
CA PRO B 324 3.71 -8.40 -9.91
C PRO B 324 3.43 -9.63 -9.07
N GLU B 325 4.04 -10.76 -9.41
CA GLU B 325 3.96 -11.92 -8.53
C GLU B 325 4.40 -11.58 -7.09
N TYR B 326 5.31 -10.64 -6.90
CA TYR B 326 5.74 -10.37 -5.52
C TYR B 326 4.61 -9.79 -4.69
N GLN B 327 3.60 -9.20 -5.31
CA GLN B 327 2.41 -8.82 -4.56
C GLN B 327 1.83 -10.00 -3.80
N TYR B 328 1.66 -11.14 -4.47
CA TYR B 328 1.23 -12.35 -3.77
C TYR B 328 2.31 -12.80 -2.77
N LEU B 329 3.58 -12.86 -3.21
CA LEU B 329 4.63 -13.46 -2.38
C LEU B 329 4.92 -12.63 -1.14
N ASN B 330 4.91 -11.30 -1.27
CA ASN B 330 5.13 -10.46 -0.10
C ASN B 330 4.02 -10.63 0.91
N ILE B 331 2.78 -10.81 0.44
CA ILE B 331 1.69 -11.10 1.36
C ILE B 331 1.94 -12.41 2.11
N ILE B 332 2.40 -13.46 1.41
CA ILE B 332 2.85 -14.67 2.10
C ILE B 332 3.91 -14.30 3.12
N TYR B 333 4.89 -13.48 2.71
CA TYR B 333 5.98 -13.14 3.62
C TYR B 333 5.47 -12.41 4.86
N ASP B 334 4.58 -11.44 4.66
CA ASP B 334 4.11 -10.64 5.77
C ASP B 334 3.33 -11.47 6.77
N ILE B 335 2.43 -12.34 6.29
CA ILE B 335 1.69 -13.19 7.22
C ILE B 335 2.66 -14.05 8.01
N MET B 336 3.66 -14.62 7.33
CA MET B 336 4.58 -15.51 8.03
C MET B 336 5.38 -14.79 9.09
N MET B 337 5.84 -13.56 8.80
CA MET B 337 6.63 -12.81 9.77
C MET B 337 5.78 -12.24 10.88
N ASN B 338 4.55 -11.81 10.56
CA ASN B 338 3.75 -11.00 11.45
C ASN B 338 2.38 -11.58 11.75
N GLY B 339 2.01 -12.69 11.12
CA GLY B 339 0.67 -13.21 11.27
C GLY B 339 0.31 -13.50 12.71
N ASN B 340 -0.98 -13.43 12.99
CA ASN B 340 -1.50 -13.79 14.28
C ASN B 340 -1.79 -15.27 14.29
N LYS B 341 -1.28 -15.97 15.31
CA LYS B 341 -1.49 -17.41 15.42
C LYS B 341 -2.91 -17.67 15.89
N GLN B 342 -3.64 -18.47 15.12
CA GLN B 342 -5.07 -18.69 15.35
C GLN B 342 -5.41 -20.13 15.04
N SER B 343 -6.27 -20.71 15.88
CA SER B 343 -6.91 -21.97 15.55
C SER B 343 -8.00 -21.74 14.52
N ASP B 344 -8.39 -22.82 13.85
CA ASP B 344 -9.53 -22.75 12.97
C ASP B 344 -10.27 -24.09 13.05
N ARG B 345 -11.18 -24.31 12.10
CA ARG B 345 -12.00 -25.52 12.05
C ARG B 345 -11.14 -26.78 11.95
N THR B 346 -10.43 -26.94 10.82
CA THR B 346 -9.70 -28.17 10.51
C THR B 346 -8.74 -28.61 11.61
N GLY B 347 -8.39 -27.72 12.54
CA GLY B 347 -7.42 -28.02 13.56
C GLY B 347 -5.98 -27.87 13.12
N VAL B 348 -5.73 -27.44 11.88
CA VAL B 348 -4.36 -27.23 11.43
C VAL B 348 -3.75 -26.03 12.15
N GLY B 349 -4.51 -24.97 12.31
CA GLY B 349 -3.94 -23.73 12.79
C GLY B 349 -3.48 -22.88 11.62
N VAL B 350 -3.79 -21.60 11.65
CA VAL B 350 -3.35 -20.69 10.62
C VAL B 350 -2.51 -19.58 11.25
N LEU B 351 -1.78 -18.88 10.40
CA LEU B 351 -1.35 -17.52 10.63
C LEU B 351 -2.21 -16.64 9.75
N SER B 352 -2.80 -15.61 10.32
CA SER B 352 -3.76 -14.78 9.59
C SER B 352 -3.41 -13.31 9.80
N LYS B 353 -3.76 -12.48 8.81
CA LYS B 353 -3.86 -11.04 8.99
C LYS B 353 -5.17 -10.57 8.35
N PHE B 354 -5.40 -9.26 8.33
CA PHE B 354 -6.70 -8.71 7.96
C PHE B 354 -6.45 -7.49 7.07
N GLY B 355 -6.93 -7.58 5.83
CA GLY B 355 -6.92 -6.42 4.93
C GLY B 355 -5.69 -6.35 4.06
N TYR B 356 -5.82 -6.74 2.79
CA TYR B 356 -4.75 -6.65 1.79
C TYR B 356 -5.38 -6.29 0.46
N ILE B 357 -4.58 -5.70 -0.42
CA ILE B 357 -5.03 -5.41 -1.77
C ILE B 357 -3.89 -5.73 -2.75
N MET B 358 -4.23 -6.41 -3.84
CA MET B 358 -3.33 -6.66 -4.97
C MET B 358 -3.96 -6.10 -6.24
N LYS B 359 -3.12 -5.64 -7.16
CA LYS B 359 -3.58 -5.11 -8.45
C LYS B 359 -2.74 -5.71 -9.56
N PHE B 360 -3.40 -6.11 -10.64
CA PHE B 360 -2.71 -6.70 -11.78
C PHE B 360 -3.21 -6.03 -13.05
N ASP B 361 -2.27 -5.76 -13.96
CA ASP B 361 -2.55 -5.09 -15.22
C ASP B 361 -2.86 -6.16 -16.26
N LEU B 362 -4.15 -6.38 -16.53
CA LEU B 362 -4.52 -7.46 -17.43
C LEU B 362 -4.16 -7.16 -18.87
N SER B 363 -3.78 -5.91 -19.17
CA SER B 363 -3.43 -5.51 -20.51
C SER B 363 -1.95 -5.71 -20.81
N GLN B 364 -1.18 -6.06 -19.79
CA GLN B 364 0.23 -6.37 -19.92
C GLN B 364 0.55 -7.84 -19.73
N TYR B 365 -0.24 -8.55 -18.92
CA TYR B 365 0.07 -9.94 -18.62
C TYR B 365 -1.19 -10.62 -18.08
N PHE B 366 -1.09 -11.93 -17.92
CA PHE B 366 -2.10 -12.74 -17.28
C PHE B 366 -1.47 -13.35 -16.04
N PRO B 367 -1.97 -13.03 -14.85
CA PRO B 367 -1.21 -13.30 -13.63
C PRO B 367 -1.32 -14.75 -13.16
N LEU B 368 -0.82 -15.67 -13.97
CA LEU B 368 -0.84 -17.08 -13.61
C LEU B 368 0.49 -17.43 -12.93
N LEU B 369 0.45 -17.75 -11.63
CA LEU B 369 1.66 -17.82 -10.83
C LEU B 369 2.71 -18.71 -11.46
N THR B 370 3.92 -18.17 -11.59
CA THR B 370 4.99 -18.84 -12.30
C THR B 370 5.97 -19.52 -11.35
N THR B 371 5.88 -19.24 -10.07
CA THR B 371 6.75 -19.85 -9.08
C THR B 371 6.25 -21.21 -8.62
N LYS B 372 5.28 -21.77 -9.34
CA LYS B 372 4.82 -23.15 -9.23
C LYS B 372 3.79 -23.38 -10.33
N LYS B 373 3.58 -24.65 -10.68
CA LYS B 373 2.62 -24.95 -11.74
C LYS B 373 1.18 -24.78 -11.26
N LEU B 374 0.34 -24.20 -12.11
CA LEU B 374 -1.09 -24.08 -11.90
C LEU B 374 -1.83 -24.53 -13.16
N PHE B 375 -2.93 -25.28 -12.97
CA PHE B 375 -3.79 -25.77 -14.04
C PHE B 375 -5.08 -24.96 -14.10
N LEU B 376 -5.59 -24.75 -15.29
CA LEU B 376 -6.74 -23.90 -15.44
C LEU B 376 -7.99 -24.57 -15.99
N ARG B 377 -7.92 -25.83 -16.43
CA ARG B 377 -9.10 -26.44 -17.06
C ARG B 377 -10.27 -26.51 -16.09
N GLY B 378 -10.03 -26.98 -14.87
CA GLY B 378 -11.11 -27.04 -13.89
C GLY B 378 -11.62 -25.68 -13.49
N ILE B 379 -10.71 -24.69 -13.42
CA ILE B 379 -11.08 -23.32 -13.08
C ILE B 379 -12.07 -22.76 -14.11
N ILE B 380 -11.78 -22.99 -15.40
CA ILE B 380 -12.66 -22.49 -16.47
C ILE B 380 -14.00 -23.23 -16.49
N GLU B 381 -14.01 -24.56 -16.34
CA GLU B 381 -15.28 -25.27 -16.28
C GLU B 381 -16.08 -24.89 -15.04
N GLU B 382 -15.41 -24.50 -13.96
CA GLU B 382 -16.17 -23.95 -12.85
C GLU B 382 -16.85 -22.64 -13.23
N LEU B 383 -16.13 -21.76 -13.93
CA LEU B 383 -16.71 -20.47 -14.31
C LEU B 383 -17.80 -20.63 -15.36
N LEU B 384 -17.63 -21.56 -16.32
CA LEU B 384 -18.69 -21.77 -17.30
C LEU B 384 -19.96 -22.28 -16.63
N TRP B 385 -19.79 -23.20 -15.69
CA TRP B 385 -20.86 -23.72 -14.84
C TRP B 385 -21.57 -22.57 -14.09
N PHE B 386 -20.80 -21.69 -13.44
CA PHE B 386 -21.36 -20.48 -12.83
C PHE B 386 -22.24 -19.70 -13.81
N ILE B 387 -21.73 -19.44 -15.02
CA ILE B 387 -22.44 -18.66 -16.03
C ILE B 387 -23.74 -19.35 -16.42
N ARG B 388 -23.74 -20.68 -16.50
CA ARG B 388 -25.00 -21.36 -16.78
C ARG B 388 -25.99 -21.21 -15.62
N GLY B 389 -25.49 -20.89 -14.42
CA GLY B 389 -26.31 -20.85 -13.22
C GLY B 389 -26.60 -22.20 -12.60
N GLU B 390 -25.88 -23.25 -12.99
CA GLU B 390 -26.08 -24.55 -12.39
C GLU B 390 -25.66 -24.58 -10.94
N THR B 391 -26.40 -25.33 -10.13
CA THR B 391 -25.97 -25.67 -8.77
C THR B 391 -25.69 -27.16 -8.64
N ASN B 392 -25.69 -27.89 -9.74
CA ASN B 392 -25.58 -29.34 -9.74
C ASN B 392 -24.11 -29.73 -9.76
N GLY B 393 -23.62 -30.23 -8.62
CA GLY B 393 -22.24 -30.67 -8.54
C GLY B 393 -21.89 -31.79 -9.52
N ASN B 394 -22.89 -32.58 -9.96
CA ASN B 394 -22.60 -33.75 -10.79
C ASN B 394 -22.08 -33.34 -12.17
N THR B 395 -22.45 -32.14 -12.65
CA THR B 395 -21.95 -31.66 -13.93
C THR B 395 -20.44 -31.51 -13.92
N LEU B 396 -19.91 -30.91 -12.84
CA LEU B 396 -18.46 -30.78 -12.72
C LEU B 396 -17.79 -32.15 -12.63
N LEU B 397 -18.32 -33.03 -11.77
CA LEU B 397 -17.69 -34.33 -11.52
C LEU B 397 -17.65 -35.22 -12.77
N ASN B 398 -18.66 -35.16 -13.64
CA ASN B 398 -18.62 -35.90 -14.90
C ASN B 398 -17.59 -35.34 -15.88
N LYS B 399 -17.15 -34.11 -15.67
CA LYS B 399 -16.00 -33.53 -16.36
C LYS B 399 -14.72 -33.65 -15.57
N ASN B 400 -14.73 -34.42 -14.47
CA ASN B 400 -13.55 -34.63 -13.61
C ASN B 400 -13.03 -33.32 -13.04
N VAL B 401 -13.93 -32.38 -12.82
CA VAL B 401 -13.66 -31.16 -12.08
C VAL B 401 -14.19 -31.39 -10.67
N ARG B 402 -13.28 -31.45 -9.69
CA ARG B 402 -13.60 -31.88 -8.32
C ARG B 402 -13.41 -30.78 -7.29
N ILE B 403 -13.37 -29.51 -7.71
CA ILE B 403 -13.29 -28.39 -6.78
C ILE B 403 -14.37 -28.48 -5.72
N TRP B 404 -15.56 -28.93 -6.10
CA TRP B 404 -16.73 -28.95 -5.23
C TRP B 404 -17.08 -30.35 -4.73
N GLU B 405 -16.26 -31.34 -5.03
CA GLU B 405 -16.65 -32.70 -4.66
C GLU B 405 -16.86 -32.81 -3.16
N ALA B 406 -15.96 -32.23 -2.35
CA ALA B 406 -16.05 -32.43 -0.92
C ALA B 406 -17.21 -31.65 -0.31
N ASN B 407 -17.65 -30.58 -0.96
CA ASN B 407 -18.73 -29.80 -0.36
C ASN B 407 -20.11 -30.40 -0.67
N GLY B 408 -20.18 -31.42 -1.51
CA GLY B 408 -21.43 -32.06 -1.83
C GLY B 408 -21.63 -33.45 -1.27
N THR B 409 -20.79 -33.89 -0.33
CA THR B 409 -20.92 -35.27 0.13
C THR B 409 -22.04 -35.38 1.16
N ARG B 410 -22.56 -36.60 1.32
CA ARG B 410 -23.57 -36.87 2.33
C ARG B 410 -23.11 -36.36 3.70
N GLU B 411 -21.86 -36.61 4.03
CA GLU B 411 -21.34 -36.22 5.33
C GLU B 411 -21.22 -34.71 5.45
N PHE B 412 -20.70 -34.05 4.41
CA PHE B 412 -20.57 -32.60 4.46
C PHE B 412 -21.91 -31.90 4.53
N LEU B 413 -22.90 -32.38 3.77
CA LEU B 413 -24.21 -31.73 3.82
C LEU B 413 -24.90 -32.01 5.16
N ASP B 414 -24.73 -33.22 5.70
CA ASP B 414 -25.28 -33.53 7.03
C ASP B 414 -24.62 -32.67 8.11
N ASN B 415 -23.31 -32.43 8.02
CA ASN B 415 -22.70 -31.52 9.00
C ASN B 415 -23.23 -30.08 8.88
N ARG B 416 -23.73 -29.67 7.72
CA ARG B 416 -24.33 -28.36 7.49
C ARG B 416 -25.82 -28.34 7.77
N LYS B 417 -26.34 -29.36 8.45
CA LYS B 417 -27.77 -29.52 8.75
C LYS B 417 -28.62 -29.59 7.47
N LEU B 418 -28.04 -30.02 6.35
CA LEU B 418 -28.79 -30.15 5.10
C LEU B 418 -29.21 -31.60 4.85
N PHE B 419 -30.04 -32.12 5.76
CA PHE B 419 -30.40 -33.54 5.70
C PHE B 419 -31.37 -33.85 4.58
N HIS B 420 -32.06 -32.86 4.04
CA HIS B 420 -32.99 -33.14 2.96
C HIS B 420 -32.44 -32.66 1.62
N ARG B 421 -31.12 -32.75 1.47
CA ARG B 421 -30.44 -32.26 0.28
C ARG B 421 -29.82 -33.45 -0.46
N GLU B 422 -30.14 -33.59 -1.74
CA GLU B 422 -29.50 -34.65 -2.52
C GLU B 422 -27.99 -34.43 -2.60
N VAL B 423 -27.25 -35.54 -2.58
CA VAL B 423 -25.80 -35.49 -2.70
C VAL B 423 -25.43 -34.71 -3.95
N ASN B 424 -24.50 -33.77 -3.80
CA ASN B 424 -23.96 -32.91 -4.85
C ASN B 424 -24.92 -31.81 -5.28
N ASP B 425 -26.09 -31.73 -4.67
CA ASP B 425 -26.93 -30.56 -4.81
C ASP B 425 -26.42 -29.54 -3.80
N LEU B 426 -25.64 -28.59 -4.29
CA LEU B 426 -24.96 -27.62 -3.46
C LEU B 426 -25.86 -26.46 -3.07
N GLY B 427 -27.12 -26.48 -3.51
CA GLY B 427 -28.07 -25.47 -3.13
C GLY B 427 -27.77 -24.16 -3.80
N PRO B 428 -28.33 -23.08 -3.28
CA PRO B 428 -28.27 -21.75 -3.97
C PRO B 428 -26.90 -21.09 -3.86
N ILE B 429 -25.92 -21.60 -4.60
CA ILE B 429 -24.55 -21.08 -4.57
C ILE B 429 -24.34 -20.29 -5.86
N TYR B 430 -23.09 -19.83 -6.08
CA TYR B 430 -22.75 -18.74 -7.00
C TYR B 430 -23.63 -18.64 -8.24
N GLY B 431 -23.71 -19.71 -9.03
CA GLY B 431 -24.45 -19.65 -10.28
C GLY B 431 -25.90 -19.24 -10.08
N PHE B 432 -26.55 -19.85 -9.08
CA PHE B 432 -27.93 -19.52 -8.77
C PHE B 432 -28.06 -18.06 -8.42
N GLN B 433 -27.24 -17.57 -7.48
CA GLN B 433 -27.32 -16.16 -7.09
C GLN B 433 -27.02 -15.22 -8.28
N TRP B 434 -26.08 -15.59 -9.16
CA TRP B 434 -25.77 -14.72 -10.30
C TRP B 434 -26.90 -14.63 -11.30
N ARG B 435 -27.79 -15.64 -11.38
CA ARG B 435 -28.85 -15.66 -12.39
C ARG B 435 -30.27 -15.63 -11.85
N HIS B 436 -30.48 -15.93 -10.56
CA HIS B 436 -31.82 -16.01 -9.99
C HIS B 436 -31.87 -15.52 -8.55
N PHE B 437 -31.06 -14.53 -8.19
CA PHE B 437 -31.03 -14.04 -6.82
C PHE B 437 -32.47 -13.70 -6.36
N GLY B 438 -32.85 -14.26 -5.20
CA GLY B 438 -34.16 -14.07 -4.62
C GLY B 438 -35.15 -15.17 -4.90
N ALA B 439 -34.91 -16.00 -5.90
CA ALA B 439 -35.85 -17.02 -6.26
C ALA B 439 -35.84 -18.13 -5.21
N GLU B 440 -36.99 -18.80 -5.05
CA GLU B 440 -37.04 -19.91 -4.11
C GLU B 440 -36.30 -21.11 -4.68
N TYR B 441 -35.22 -21.51 -4.02
CA TYR B 441 -34.46 -22.68 -4.41
C TYR B 441 -35.19 -23.95 -4.00
N THR B 442 -35.38 -24.87 -4.95
CA THR B 442 -36.03 -26.14 -4.63
C THR B 442 -35.08 -27.33 -4.76
N ASN B 443 -34.57 -27.57 -5.95
CA ASN B 443 -33.51 -28.56 -6.12
C ASN B 443 -32.73 -28.17 -7.37
N MET B 444 -31.62 -28.86 -7.56
CA MET B 444 -30.71 -28.51 -8.64
C MET B 444 -31.27 -28.86 -10.01
N TYR B 445 -32.32 -29.67 -10.08
CA TYR B 445 -32.95 -30.01 -11.33
C TYR B 445 -34.10 -29.10 -11.72
N ASP B 446 -34.50 -28.19 -10.86
CA ASP B 446 -35.70 -27.42 -11.16
C ASP B 446 -35.45 -26.42 -12.30
N ASN B 447 -36.54 -25.97 -12.90
CA ASN B 447 -36.49 -25.05 -14.02
C ASN B 447 -36.72 -23.65 -13.45
N TYR B 448 -35.66 -22.83 -13.46
CA TYR B 448 -35.66 -21.51 -12.84
C TYR B 448 -35.69 -20.38 -13.87
N GLU B 449 -35.93 -20.70 -15.14
CA GLU B 449 -35.98 -19.67 -16.17
C GLU B 449 -36.90 -18.52 -15.75
N ASN B 450 -36.30 -17.35 -15.58
CA ASN B 450 -36.94 -16.06 -15.34
C ASN B 450 -37.36 -15.87 -13.88
N LYS B 451 -36.99 -16.79 -13.00
CA LYS B 451 -37.20 -16.58 -11.57
C LYS B 451 -35.99 -15.83 -10.97
N GLY B 452 -36.26 -14.77 -10.24
CA GLY B 452 -35.21 -14.02 -9.59
C GLY B 452 -34.50 -13.00 -10.48
N VAL B 453 -33.47 -12.41 -9.89
CA VAL B 453 -32.75 -11.30 -10.51
C VAL B 453 -31.55 -11.86 -11.28
N ASP B 454 -31.53 -11.58 -12.59
CA ASP B 454 -30.41 -11.98 -13.44
C ASP B 454 -29.32 -10.94 -13.24
N GLN B 455 -28.57 -11.14 -12.17
CA GLN B 455 -27.49 -10.24 -11.82
C GLN B 455 -26.45 -10.17 -12.94
N LEU B 456 -26.09 -11.32 -13.51
CA LEU B 456 -25.08 -11.33 -14.55
C LEU B 456 -25.55 -10.53 -15.76
N LYS B 457 -26.79 -10.73 -16.19
CA LYS B 457 -27.30 -9.94 -17.30
C LYS B 457 -27.33 -8.47 -16.93
N ASN B 458 -27.77 -8.15 -15.72
CA ASN B 458 -27.86 -6.76 -15.29
C ASN B 458 -26.53 -6.03 -15.43
N ILE B 459 -25.44 -6.64 -14.98
CA ILE B 459 -24.18 -5.88 -14.97
C ILE B 459 -23.63 -5.78 -16.39
N ILE B 460 -23.90 -6.76 -17.23
CA ILE B 460 -23.46 -6.66 -18.61
C ILE B 460 -24.20 -5.53 -19.32
N ASN B 461 -25.50 -5.36 -19.04
CA ASN B 461 -26.26 -4.28 -19.65
C ASN B 461 -25.75 -2.94 -19.17
N LEU B 462 -25.39 -2.85 -17.89
CA LEU B 462 -24.93 -1.59 -17.33
C LEU B 462 -23.60 -1.16 -17.92
N ILE B 463 -22.72 -2.12 -18.18
CA ILE B 463 -21.43 -1.83 -18.77
C ILE B 463 -21.59 -1.27 -20.19
N LYS B 464 -22.48 -1.87 -21.00
CA LYS B 464 -22.74 -1.39 -22.36
C LYS B 464 -23.51 -0.08 -22.42
N ASN B 465 -24.25 0.27 -21.38
CA ASN B 465 -25.30 1.28 -21.49
C ASN B 465 -25.13 2.43 -20.51
N ASP B 466 -24.75 2.15 -19.27
CA ASP B 466 -24.49 3.18 -18.27
C ASP B 466 -23.10 2.97 -17.71
N PRO B 467 -22.07 3.20 -18.52
CA PRO B 467 -20.73 2.74 -18.15
C PRO B 467 -20.13 3.45 -16.94
N THR B 468 -20.55 4.67 -16.61
CA THR B 468 -20.01 5.37 -15.44
C THR B 468 -20.84 5.13 -14.19
N SER B 469 -21.86 4.29 -14.27
CA SER B 469 -22.59 3.87 -13.08
C SER B 469 -21.63 3.36 -12.01
N ARG B 470 -21.96 3.65 -10.77
CA ARG B 470 -21.19 3.11 -9.67
C ARG B 470 -21.90 1.93 -9.03
N ARG B 471 -22.89 1.35 -9.73
CA ARG B 471 -23.77 0.31 -9.22
C ARG B 471 -23.63 -0.99 -10.01
N ILE B 472 -22.49 -1.21 -10.62
CA ILE B 472 -22.26 -2.40 -11.44
C ILE B 472 -21.56 -3.42 -10.54
N LEU B 473 -22.36 -4.20 -9.79
CA LEU B 473 -21.85 -5.17 -8.84
C LEU B 473 -22.50 -6.52 -9.06
N LEU B 474 -21.73 -7.58 -8.87
CA LEU B 474 -22.22 -8.95 -8.93
C LEU B 474 -22.02 -9.54 -7.54
N CYS B 475 -23.12 -9.73 -6.82
CA CYS B 475 -23.08 -10.11 -5.42
C CYS B 475 -23.58 -11.54 -5.25
N ALA B 476 -22.75 -12.37 -4.62
CA ALA B 476 -23.08 -13.76 -4.32
C ALA B 476 -23.51 -13.98 -2.88
N TRP B 477 -23.38 -12.96 -2.03
CA TRP B 477 -23.57 -13.10 -0.58
C TRP B 477 -25.03 -12.80 -0.23
N ASN B 478 -25.89 -13.76 -0.51
CA ASN B 478 -27.32 -13.64 -0.20
C ASN B 478 -27.53 -14.06 1.26
N VAL B 479 -27.80 -13.08 2.13
CA VAL B 479 -27.86 -13.36 3.57
C VAL B 479 -28.99 -14.35 3.88
N LYS B 480 -30.07 -14.33 3.10
CA LYS B 480 -31.20 -15.20 3.35
C LYS B 480 -30.90 -16.64 2.95
N ASP B 481 -30.03 -16.83 1.95
CA ASP B 481 -29.77 -18.17 1.41
C ASP B 481 -28.52 -18.81 1.96
N LEU B 482 -27.74 -18.10 2.79
CA LEU B 482 -26.46 -18.64 3.24
C LEU B 482 -26.62 -20.05 3.81
N ASP B 483 -27.58 -20.21 4.73
CA ASP B 483 -27.68 -21.47 5.46
C ASP B 483 -28.09 -22.61 4.56
N GLN B 484 -28.81 -22.33 3.47
CA GLN B 484 -29.16 -23.35 2.51
C GLN B 484 -28.02 -23.72 1.57
N MET B 485 -26.94 -22.93 1.55
CA MET B 485 -25.82 -23.22 0.65
C MET B 485 -24.93 -24.28 1.28
N ALA B 486 -24.37 -25.14 0.43
CA ALA B 486 -23.46 -26.15 0.94
C ALA B 486 -22.34 -25.49 1.73
N LEU B 487 -21.89 -24.31 1.29
CA LEU B 487 -21.12 -23.41 2.14
C LEU B 487 -21.25 -21.99 1.58
N PRO B 488 -21.07 -20.97 2.43
CA PRO B 488 -21.23 -19.59 1.94
C PRO B 488 -20.05 -19.16 1.07
N PRO B 489 -20.28 -18.23 0.15
CA PRO B 489 -19.21 -17.87 -0.80
C PRO B 489 -18.01 -17.20 -0.11
N CYS B 490 -16.81 -17.62 -0.52
CA CYS B 490 -15.62 -16.84 -0.18
C CYS B 490 -15.56 -15.56 -1.01
N HIS B 491 -15.99 -15.60 -2.27
CA HIS B 491 -15.89 -14.46 -3.19
C HIS B 491 -17.18 -13.63 -3.13
N ILE B 492 -17.21 -12.67 -2.20
CA ILE B 492 -18.44 -11.96 -1.88
C ILE B 492 -19.00 -11.23 -3.10
N LEU B 493 -18.16 -10.46 -3.81
CA LEU B 493 -18.70 -9.52 -4.77
C LEU B 493 -17.62 -9.10 -5.77
N CYS B 494 -18.08 -8.88 -7.01
CA CYS B 494 -17.31 -8.20 -8.05
C CYS B 494 -17.87 -6.81 -8.24
N GLN B 495 -17.02 -5.80 -8.23
CA GLN B 495 -17.43 -4.50 -8.73
C GLN B 495 -16.64 -4.18 -10.00
N PHE B 496 -17.31 -3.52 -10.93
CA PHE B 496 -16.72 -3.18 -12.20
C PHE B 496 -16.64 -1.67 -12.35
N TYR B 497 -15.67 -1.24 -13.15
CA TYR B 497 -15.37 0.16 -13.39
C TYR B 497 -14.93 0.30 -14.85
N VAL B 498 -15.50 1.29 -15.55
CA VAL B 498 -15.31 1.44 -16.99
C VAL B 498 -14.79 2.83 -17.29
N PHE B 499 -13.66 2.90 -17.99
CA PHE B 499 -13.13 4.19 -18.45
C PHE B 499 -12.32 3.99 -19.73
N ASP B 500 -12.51 4.91 -20.67
CA ASP B 500 -11.73 4.95 -21.92
C ASP B 500 -11.73 3.58 -22.61
N GLY B 501 -12.87 2.92 -22.62
CA GLY B 501 -12.93 1.63 -23.25
C GLY B 501 -12.21 0.54 -22.48
N LYS B 502 -11.95 0.77 -21.20
CA LYS B 502 -11.24 -0.18 -20.37
C LYS B 502 -12.13 -0.59 -19.20
N LEU B 503 -12.08 -1.87 -18.85
CA LEU B 503 -12.90 -2.43 -17.78
C LEU B 503 -12.00 -2.97 -16.67
N SER B 504 -12.18 -2.47 -15.45
CA SER B 504 -11.45 -2.99 -14.30
C SER B 504 -12.41 -3.71 -13.35
N CYS B 505 -11.90 -4.72 -12.64
CA CYS B 505 -12.70 -5.54 -11.75
C CYS B 505 -12.09 -5.58 -10.36
N ILE B 506 -12.94 -5.49 -9.35
CA ILE B 506 -12.57 -5.70 -7.97
C ILE B 506 -13.31 -6.93 -7.48
N MET B 507 -12.60 -7.83 -6.80
CA MET B 507 -13.25 -8.91 -6.10
C MET B 507 -12.83 -8.88 -4.65
N TYR B 508 -13.83 -8.86 -3.76
CA TYR B 508 -13.64 -8.84 -2.32
C TYR B 508 -13.80 -10.25 -1.80
N GLN B 509 -12.73 -10.81 -1.24
CA GLN B 509 -12.72 -12.19 -0.76
C GLN B 509 -12.67 -12.16 0.75
N ARG B 510 -13.66 -12.76 1.39
CA ARG B 510 -13.73 -12.72 2.84
C ARG B 510 -12.74 -13.68 3.49
N SER B 511 -12.36 -14.73 2.78
CA SER B 511 -11.50 -15.74 3.35
C SER B 511 -10.57 -16.23 2.26
N CYS B 512 -9.27 -16.21 2.53
CA CYS B 512 -8.27 -16.42 1.50
C CYS B 512 -7.24 -17.41 1.99
N ASP B 513 -7.25 -18.60 1.42
CA ASP B 513 -6.21 -19.60 1.66
C ASP B 513 -5.05 -19.22 0.78
N LEU B 514 -4.15 -18.40 1.34
CA LEU B 514 -3.07 -17.84 0.54
C LEU B 514 -2.29 -18.92 -0.17
N GLY B 515 -2.05 -20.06 0.50
CA GLY B 515 -1.24 -21.11 -0.07
C GLY B 515 -1.91 -21.89 -1.18
N LEU B 516 -3.20 -22.19 -1.04
CA LEU B 516 -3.87 -23.08 -1.99
C LEU B 516 -4.91 -22.39 -2.85
N GLY B 517 -5.74 -21.53 -2.27
CA GLY B 517 -6.84 -20.94 -3.00
C GLY B 517 -6.53 -19.67 -3.77
N VAL B 518 -5.76 -18.76 -3.18
CA VAL B 518 -5.59 -17.44 -3.79
C VAL B 518 -4.97 -17.51 -5.18
N PRO B 519 -3.96 -18.35 -5.45
CA PRO B 519 -3.47 -18.45 -6.84
C PRO B 519 -4.56 -18.73 -7.84
N PHE B 520 -5.44 -19.70 -7.55
CA PHE B 520 -6.56 -20.00 -8.43
C PHE B 520 -7.55 -18.84 -8.48
N ASN B 521 -7.80 -18.19 -7.35
CA ASN B 521 -8.80 -17.15 -7.35
C ASN B 521 -8.38 -15.98 -8.21
N ILE B 522 -7.08 -15.65 -8.18
CA ILE B 522 -6.54 -14.62 -9.06
C ILE B 522 -6.85 -14.95 -10.54
N ALA B 523 -6.61 -16.19 -10.96
CA ALA B 523 -6.84 -16.56 -12.35
C ALA B 523 -8.32 -16.55 -12.73
N SER B 524 -9.19 -17.05 -11.83
CA SER B 524 -10.62 -17.12 -12.15
C SER B 524 -11.18 -15.74 -12.48
N TYR B 525 -10.93 -14.77 -11.59
CA TYR B 525 -11.56 -13.47 -11.81
C TYR B 525 -10.85 -12.69 -12.89
N SER B 526 -9.58 -12.99 -13.15
CA SER B 526 -8.94 -12.38 -14.31
C SER B 526 -9.58 -12.90 -15.59
N ILE B 527 -9.68 -14.23 -15.72
CA ILE B 527 -10.37 -14.77 -16.89
C ILE B 527 -11.77 -14.18 -17.00
N PHE B 528 -12.53 -14.16 -15.88
CA PHE B 528 -13.89 -13.64 -15.91
C PHE B 528 -13.93 -12.20 -16.36
N THR B 529 -12.97 -11.41 -15.89
CA THR B 529 -12.83 -10.02 -16.34
C THR B 529 -12.66 -9.94 -17.85
N HIS B 530 -11.73 -10.74 -18.41
CA HIS B 530 -11.55 -10.82 -19.85
C HIS B 530 -12.86 -11.22 -20.54
N MET B 531 -13.54 -12.19 -19.97
CA MET B 531 -14.79 -12.65 -20.58
C MET B 531 -15.81 -11.53 -20.62
N ILE B 532 -16.02 -10.85 -19.48
CA ILE B 532 -16.95 -9.74 -19.44
C ILE B 532 -16.50 -8.65 -20.40
N ALA B 533 -15.20 -8.37 -20.42
CA ALA B 533 -14.70 -7.28 -21.26
C ALA B 533 -14.97 -7.54 -22.73
N GLN B 534 -14.77 -8.78 -23.18
CA GLN B 534 -14.89 -9.06 -24.61
C GLN B 534 -16.34 -9.01 -25.09
N VAL B 535 -17.30 -9.46 -24.26
CA VAL B 535 -18.69 -9.41 -24.73
C VAL B 535 -19.28 -8.02 -24.62
N CYS B 536 -18.54 -7.06 -24.04
CA CYS B 536 -18.99 -5.68 -23.94
C CYS B 536 -18.14 -4.73 -24.78
N ASN B 537 -17.43 -5.27 -25.78
CA ASN B 537 -16.60 -4.49 -26.69
C ASN B 537 -15.69 -3.53 -25.96
N LEU B 538 -15.00 -4.06 -24.96
CA LEU B 538 -14.05 -3.33 -24.15
C LEU B 538 -12.77 -4.16 -24.03
N GLN B 539 -11.69 -3.49 -23.65
CA GLN B 539 -10.38 -4.05 -23.35
C GLN B 539 -10.25 -4.31 -21.84
N PRO B 540 -9.72 -5.45 -21.41
CA PRO B 540 -9.49 -5.64 -19.98
C PRO B 540 -8.39 -4.69 -19.49
N ALA B 541 -8.57 -4.14 -18.28
CA ALA B 541 -7.43 -3.41 -17.70
C ALA B 541 -6.90 -3.97 -16.38
N GLN B 542 -7.59 -3.72 -15.26
CA GLN B 542 -7.03 -4.04 -13.95
C GLN B 542 -7.94 -5.03 -13.25
N PHE B 543 -7.34 -6.07 -12.66
CA PHE B 543 -8.01 -6.97 -11.72
C PHE B 543 -7.50 -6.68 -10.32
N ILE B 544 -8.41 -6.31 -9.41
CA ILE B 544 -8.06 -5.86 -8.06
C ILE B 544 -8.61 -6.85 -7.05
N HIS B 545 -7.73 -7.46 -6.28
CA HIS B 545 -8.08 -8.50 -5.32
C HIS B 545 -7.99 -7.94 -3.90
N VAL B 546 -9.12 -7.88 -3.21
CA VAL B 546 -9.14 -7.39 -1.83
C VAL B 546 -9.29 -8.59 -0.93
N LEU B 547 -8.30 -8.81 -0.06
CA LEU B 547 -8.30 -9.93 0.87
C LEU B 547 -8.83 -9.47 2.22
N GLY B 548 -9.75 -10.26 2.78
CA GLY B 548 -10.38 -10.00 4.08
C GLY B 548 -9.61 -10.73 5.17
N ASN B 549 -10.15 -11.84 5.69
CA ASN B 549 -9.36 -12.77 6.50
C ASN B 549 -8.44 -13.57 5.58
N ALA B 550 -7.13 -13.29 5.66
CA ALA B 550 -6.12 -13.86 4.78
C ALA B 550 -5.13 -14.69 5.60
N HIS B 551 -4.97 -15.95 5.24
CA HIS B 551 -4.35 -16.88 6.16
C HIS B 551 -3.49 -17.89 5.40
N VAL B 552 -2.38 -18.26 6.01
CA VAL B 552 -1.56 -19.37 5.59
C VAL B 552 -1.81 -20.48 6.58
N TYR B 553 -2.19 -21.66 6.07
CA TYR B 553 -2.28 -22.84 6.90
C TYR B 553 -0.87 -23.32 7.26
N ASN B 554 -0.70 -23.82 8.48
CA ASN B 554 0.63 -24.16 8.97
C ASN B 554 1.28 -25.26 8.13
N ASN B 555 0.50 -26.26 7.69
CA ASN B 555 1.05 -27.34 6.88
C ASN B 555 1.49 -26.88 5.50
N HIS B 556 1.24 -25.62 5.15
CA HIS B 556 1.76 -25.02 3.92
C HIS B 556 3.06 -24.26 4.11
N ILE B 557 3.43 -23.95 5.36
CA ILE B 557 4.55 -23.04 5.62
C ILE B 557 5.83 -23.54 4.94
N ASP B 558 6.14 -24.84 5.07
CA ASP B 558 7.36 -25.34 4.45
C ASP B 558 7.32 -25.19 2.94
N SER B 559 6.17 -25.48 2.33
CA SER B 559 6.06 -25.41 0.88
C SER B 559 6.19 -23.97 0.37
N LEU B 560 5.56 -23.02 1.07
CA LEU B 560 5.69 -21.62 0.69
C LEU B 560 7.11 -21.11 0.88
N LYS B 561 7.86 -21.66 1.85
CA LYS B 561 9.27 -21.28 2.01
C LYS B 561 10.07 -21.63 0.77
N ILE B 562 9.86 -22.83 0.23
CA ILE B 562 10.47 -23.17 -1.04
C ILE B 562 10.04 -22.18 -2.12
N GLN B 563 8.78 -21.79 -2.10
CA GLN B 563 8.26 -20.96 -3.17
C GLN B 563 8.68 -19.50 -3.06
N LEU B 564 8.92 -18.99 -1.85
CA LEU B 564 9.37 -17.60 -1.72
C LEU B 564 10.75 -17.39 -2.32
N ASN B 565 11.59 -18.43 -2.31
CA ASN B 565 12.96 -18.34 -2.77
C ASN B 565 13.12 -18.83 -4.19
N ARG B 566 12.02 -18.92 -4.92
CA ARG B 566 12.07 -18.99 -6.38
C ARG B 566 11.75 -17.62 -6.95
N ILE B 567 12.33 -17.33 -8.10
CA ILE B 567 12.22 -16.03 -8.75
C ILE B 567 11.25 -16.15 -9.91
N PRO B 568 10.24 -15.28 -9.98
CA PRO B 568 9.21 -15.37 -11.02
C PRO B 568 9.76 -15.36 -12.44
N TYR B 569 9.02 -16.02 -13.33
CA TYR B 569 9.23 -15.85 -14.77
C TYR B 569 8.29 -14.78 -15.33
N PRO B 570 8.56 -14.25 -16.52
CA PRO B 570 7.56 -13.38 -17.15
C PRO B 570 6.24 -14.11 -17.30
N PHE B 571 5.17 -13.39 -17.07
CA PHE B 571 3.84 -13.95 -17.05
C PHE B 571 3.45 -14.46 -18.44
N PRO B 572 2.43 -15.36 -18.52
CA PRO B 572 1.84 -15.73 -19.80
C PRO B 572 0.77 -14.74 -20.25
N THR B 573 0.04 -15.09 -21.32
CA THR B 573 -1.12 -14.34 -21.78
C THR B 573 -2.32 -15.27 -21.99
N LEU B 574 -3.52 -14.70 -21.86
CA LEU B 574 -4.75 -15.41 -22.15
C LEU B 574 -5.32 -14.97 -23.49
N LYS B 575 -5.69 -15.92 -24.32
CA LYS B 575 -6.33 -15.62 -25.59
C LYS B 575 -7.75 -16.15 -25.56
N LEU B 576 -8.69 -15.29 -25.92
CA LEU B 576 -10.09 -15.67 -26.08
C LEU B 576 -10.41 -15.72 -27.56
N ASN B 577 -11.03 -16.84 -27.97
CA ASN B 577 -11.72 -16.94 -29.26
C ASN B 577 -12.44 -15.62 -29.49
N PRO B 578 -12.03 -14.85 -30.50
CA PRO B 578 -12.64 -13.53 -30.73
C PRO B 578 -14.11 -13.59 -31.11
N ASP B 579 -14.59 -14.72 -31.63
CA ASP B 579 -15.93 -14.78 -32.21
C ASP B 579 -17.06 -14.88 -31.18
N ILE B 580 -16.75 -15.02 -29.89
CA ILE B 580 -17.78 -15.14 -28.87
C ILE B 580 -18.17 -13.73 -28.46
N LYS B 581 -19.41 -13.34 -28.73
CA LYS B 581 -19.89 -12.00 -28.44
C LYS B 581 -20.94 -11.95 -27.33
N ASN B 582 -21.27 -13.08 -26.70
CA ASN B 582 -22.22 -13.06 -25.59
C ASN B 582 -21.72 -13.97 -24.47
N ILE B 583 -22.03 -13.59 -23.22
CA ILE B 583 -21.37 -14.20 -22.08
C ILE B 583 -21.70 -15.68 -21.95
N GLU B 584 -22.84 -16.11 -22.49
CA GLU B 584 -23.22 -17.50 -22.34
C GLU B 584 -22.60 -18.43 -23.38
N ASP B 585 -21.89 -17.91 -24.39
CA ASP B 585 -21.46 -18.75 -25.50
C ASP B 585 -20.04 -19.27 -25.34
N PHE B 586 -19.36 -18.96 -24.26
CA PHE B 586 -18.00 -19.45 -24.10
C PHE B 586 -18.01 -20.96 -23.85
N THR B 587 -17.07 -21.65 -24.45
CA THR B 587 -16.91 -23.07 -24.23
C THR B 587 -15.45 -23.30 -23.95
N ILE B 588 -15.13 -24.51 -23.50
CA ILE B 588 -13.78 -24.77 -23.01
C ILE B 588 -12.73 -24.57 -24.11
N SER B 589 -13.11 -24.78 -25.38
CA SER B 589 -12.14 -24.65 -26.48
C SER B 589 -11.77 -23.19 -26.73
N ASP B 590 -12.66 -22.26 -26.39
CA ASP B 590 -12.44 -20.83 -26.62
C ASP B 590 -11.37 -20.21 -25.71
N PHE B 591 -10.68 -20.99 -24.87
CA PHE B 591 -9.68 -20.48 -23.94
C PHE B 591 -8.32 -21.08 -24.28
N THR B 592 -7.29 -20.21 -24.32
CA THR B 592 -5.93 -20.61 -24.69
C THR B 592 -4.93 -19.78 -23.90
N ILE B 593 -4.14 -20.45 -23.06
CA ILE B 593 -3.03 -19.82 -22.32
C ILE B 593 -1.74 -19.98 -23.12
N GLN B 594 -1.11 -18.87 -23.47
CA GLN B 594 0.06 -18.87 -24.33
C GLN B 594 1.32 -18.56 -23.52
N ASN B 595 2.36 -19.39 -23.72
CA ASN B 595 3.72 -19.12 -23.22
C ASN B 595 3.82 -19.18 -21.71
N TYR B 596 3.14 -20.14 -21.11
CA TYR B 596 3.19 -20.28 -19.66
C TYR B 596 4.53 -20.91 -19.28
N VAL B 597 5.41 -20.09 -18.72
CA VAL B 597 6.73 -20.51 -18.23
C VAL B 597 6.64 -20.54 -16.71
N HIS B 598 6.82 -21.72 -16.11
CA HIS B 598 6.59 -21.91 -14.68
C HIS B 598 7.69 -22.76 -14.08
N HIS B 599 7.83 -22.64 -12.75
CA HIS B 599 8.61 -23.53 -11.92
C HIS B 599 7.85 -24.85 -11.69
N GLU B 600 8.53 -25.77 -11.01
CA GLU B 600 7.99 -27.11 -10.81
C GLU B 600 6.81 -27.07 -9.86
N LYS B 601 5.86 -27.96 -10.09
CA LYS B 601 4.71 -28.10 -9.21
C LYS B 601 5.15 -28.37 -7.77
N ILE B 602 4.41 -27.82 -6.82
CA ILE B 602 4.70 -27.97 -5.40
C ILE B 602 3.42 -28.45 -4.73
N SER B 603 3.43 -29.67 -4.21
CA SER B 603 2.33 -30.14 -3.37
C SER B 603 2.39 -29.40 -2.04
N MET B 604 1.35 -28.62 -1.74
CA MET B 604 1.44 -27.65 -0.65
C MET B 604 1.68 -28.30 0.71
N ASP B 605 1.44 -29.59 0.83
CA ASP B 605 1.82 -30.34 2.02
C ASP B 605 2.96 -31.34 1.72
#